data_8G5B
#
_entry.id   8G5B
#
_cell.length_a   1.00
_cell.length_b   1.00
_cell.length_c   1.00
_cell.angle_alpha   90.00
_cell.angle_beta   90.00
_cell.angle_gamma   90.00
#
_symmetry.space_group_name_H-M   'P 1'
#
loop_
_entity.id
_entity.type
_entity.pdbx_description
1 polymer Hemagglutinin
2 polymer 'FL-1086 heavy chain'
3 polymer 'FL-1061 heavy chain'
4 polymer 'S5V2-29 heavy chain'
5 polymer 'FL-1086 light chain'
6 polymer 'FL-1061 light chain'
7 polymer 'S5V2-29 light chain'
8 non-polymer 2-acetamido-2-deoxy-beta-D-glucopyranose
#
loop_
_entity_poly.entity_id
_entity_poly.type
_entity_poly.pdbx_seq_one_letter_code
_entity_poly.pdbx_strand_id
1 'polypeptide(L)'
;MLLVNQSHQGFNKEHTSKMVSAIVLYVLLAAAAHSAFASTNATELVQSSSTGKICNNPHRILDGIDCTLIDALLGDPHCD
VFQNETWDLFVERSKAFSNCYPYDVPDYASLRSLVASSGTLEFITEGFTWTGVTQNGGSNACKRGPGSGFFSRLNWLTKS
GSTYPVLNVTMPNNDNFDKLYIWGIHHPSTDQEQTSLYVQASGRVTVSTRRSQQTIIPNIGSRPWVRGLSSRISIYWTIV
KPGDVLVINSNGNLIAPRGYFKMRTGKSSIMRSDAPIDTCISECITPNGSIPNDKPFQNVNKITYGACPKYVKQNTLKLA
TGAGGAGSGGGGAGSGGPGSGYIPEAPRDGQAYVRKDGEWVLLSTFLGGGLEVLFQGPGGHHHHHH
;
A
2 'polypeptide(L)'
;MKRGLCCVLLLCGAVFVSPSASEVQLQESGAELVMPGASVKLSCKASGYTFTRYWMHWVKQRPGQGLEWIGEIDPSDSYT
YYNQKFKGKSTLTVDKSSSTAYMQLNSLTSEDSAVYYCARNYGSSYGYFDVWGTGTTVTVGASTKGPSVFPLAPSSKSTS
GGTAALGCLVKDYFPEPVTVSWNSGALTSGVHTFPAVLQSSGLYSLSSVVTVPSSSLGTQTYICNVNHKPSNTKVDKRVE
PKSCDKGSSLEVLFQGPLGHHHHHH
;
H
3 'polypeptide(L)'
;MKRGLCCVLLLCGAVFVSPSASQVQLQQSGAELMQPGASVKLSCKATGYTFAGYWIEWVKQRPGHGLEWIGEILPGIGST
NYNGKFKGKATFTADSSSNTAYMELSSLTTEDSAIYYCARSGAQATFAMDYWGQGTSVTVSGASTKGPSVFPLAPSSKST
SGGTAALGCLVKDYFPEPVTVSWNSGALTSGVHTFPAVLQSSGLYSLSSVVTVPSSSLGTQTYICNVNHKPSNTKVDKRV
EPKSCDKGSSLEVLFQGPLGHHHHHH
;
I
4 'polypeptide(L)'
;QVQLQESGPGLVKPSETLSLTCTVSGGSVSSNIYYWSWIRQTPGKGLEWLGYFYHSGSSNYNPSLKSRVTISGDMSKNQF
SLKLKSVTAADTAIYYCARGGVENLMLVAVIQEMWYFDLWGRGTLVTVSGASTKGPSVFPLAPSSKSTSGGTAALGCLVK
DYFPEPVTVSWNSGALTSGVHTFPAVLQSSGLYSLSSVVTVPSSSLGTQTYICNVNHKPSNTKVDKRVEPKSCDKHHHHH
H
;
J
5 'polypeptide(L)'
;MKRGLCCVLLLCGAVFVSPSASDIVMTQAAFSNPVTLGTSASISCRSSKSLLHSNGITYLYWYLQRPGQSPQLLIYQMSN
LASGVPDRFSSSGSGTDFTLRISRVEAEDVGVYYCAQNLELPWTFGGGTKLEIKRTVAAPSVFIFPPSDEQLKSGTASVV
CLLNNFYPREAKVQWKVDNALQSGNSQESVTEQDSKDSTYSLSSTLTLSKADYEKHKVYACEVTHQGLSSPVTKSFNRGE
C
;
L
6 'polypeptide(L)'
;MKRGLCCVLLLCGAVFVSPSASDVQMTQSPSYLAASPGETITINCRASKSISKFLAWYQEKPGKTNKLLIYSGSTLQSGI
PSRFSGSGSGTDFTLTISSLEPEDFAMYYCQQHNEYPYTFGAGTKLELKRTVAAPSVFIFPPSDEQLKSGTASVVCLLNN
FYPREAKVQWKVDNALQSGNSQESVTEQDSKDSTYSLSSTLTLSKADYEKHKVYACEVTHQGLSSPVTKSFNRGEC
;
M
7 'polypeptide(L)'
;DIQMTQTPSSLSASVGDRVTITCRASQSIGASLNWYQQKPGEAPKFLIYAASNLQSGVPSRFSGSGSGTDFTLTISSLQP
EDFATYYCQQQGTFGQGTKLEIKRTVAAPSVFIFPPSDEQLKSGTASVVCLLNNFYPREAKVQWKVDNALQSGNSQESVT
EQDSKDSTYSLSSTLTLSKADYEKHKVYACEVTHQGLSSPVTKSFNRGEC
;
N
#
# COMPACT_ATOMS: atom_id res chain seq x y z
N GLU A 44 42.78 -19.76 -34.52
CA GLU A 44 41.58 -20.63 -34.64
C GLU A 44 40.40 -19.86 -35.21
N LEU A 45 39.36 -20.59 -35.60
CA LEU A 45 38.16 -19.99 -36.14
C LEU A 45 37.06 -19.79 -35.10
N VAL A 46 37.32 -20.11 -33.83
CA VAL A 46 36.33 -20.05 -32.78
C VAL A 46 36.68 -18.90 -31.84
N GLN A 47 35.74 -17.96 -31.69
CA GLN A 47 35.89 -16.91 -30.69
C GLN A 47 35.63 -17.51 -29.31
N SER A 48 36.51 -17.20 -28.36
CA SER A 48 36.45 -17.83 -27.05
C SER A 48 36.64 -16.86 -25.89
N SER A 49 36.77 -15.57 -26.13
CA SER A 49 36.99 -14.61 -25.05
C SER A 49 36.10 -13.40 -25.28
N SER A 50 35.39 -13.00 -24.23
CA SER A 50 34.59 -11.78 -24.26
C SER A 50 35.30 -10.68 -23.47
N THR A 51 35.03 -9.44 -23.85
CA THR A 51 35.61 -8.30 -23.14
C THR A 51 35.08 -8.18 -21.72
N GLY A 52 33.98 -8.86 -21.39
CA GLY A 52 33.37 -8.73 -20.09
C GLY A 52 32.41 -7.57 -19.95
N LYS A 53 32.17 -6.82 -21.03
CA LYS A 53 31.27 -5.67 -21.02
C LYS A 53 30.25 -5.82 -22.13
N ILE A 54 29.11 -5.17 -21.96
CA ILE A 54 28.09 -5.12 -23.00
C ILE A 54 28.14 -3.73 -23.64
N CYS A 55 28.45 -3.68 -24.94
CA CYS A 55 28.52 -2.40 -25.62
C CYS A 55 27.17 -1.71 -25.64
N ASN A 56 27.20 -0.41 -25.32
CA ASN A 56 26.00 0.40 -25.30
C ASN A 56 25.41 0.61 -26.68
N ASN A 57 26.16 0.30 -27.73
CA ASN A 57 25.73 0.50 -29.11
C ASN A 57 26.08 -0.76 -29.89
N PRO A 58 25.42 -1.00 -31.03
CA PRO A 58 24.32 -0.21 -31.60
C PRO A 58 22.95 -0.63 -31.08
N HIS A 59 22.89 -1.79 -30.43
CA HIS A 59 21.63 -2.26 -29.87
C HIS A 59 21.21 -1.39 -28.71
N ARG A 60 19.91 -1.11 -28.62
CA ARG A 60 19.38 -0.27 -27.55
C ARG A 60 19.26 -1.09 -26.28
N ILE A 61 20.31 -1.09 -25.47
CA ILE A 61 20.30 -1.82 -24.22
C ILE A 61 19.55 -1.03 -23.17
N LEU A 62 18.61 -1.69 -22.50
CA LEU A 62 17.97 -1.14 -21.31
C LEU A 62 18.43 -1.98 -20.13
N ASP A 63 18.99 -1.33 -19.12
CA ASP A 63 19.57 -2.00 -17.97
C ASP A 63 18.58 -2.00 -16.83
N GLY A 64 18.09 -3.18 -16.46
CA GLY A 64 17.27 -3.32 -15.28
C GLY A 64 18.12 -3.45 -14.04
N ILE A 65 18.65 -2.34 -13.55
CA ILE A 65 19.69 -2.38 -12.52
C ILE A 65 19.27 -3.30 -11.39
N ASP A 66 18.18 -2.96 -10.70
CA ASP A 66 17.65 -3.77 -9.61
C ASP A 66 16.26 -4.28 -9.92
N CYS A 67 15.80 -4.17 -11.16
CA CYS A 67 14.43 -4.49 -11.53
C CYS A 67 14.41 -5.64 -12.53
N THR A 68 13.55 -6.61 -12.21
CA THR A 68 13.24 -7.72 -13.15
C THR A 68 12.18 -7.20 -14.13
N LEU A 69 12.10 -7.77 -15.31
CA LEU A 69 11.15 -7.27 -16.30
C LEU A 69 9.74 -7.22 -15.73
N ILE A 70 9.34 -8.23 -14.98
CA ILE A 70 7.99 -8.26 -14.43
C ILE A 70 7.82 -7.18 -13.36
N ASP A 71 8.89 -6.93 -12.61
CA ASP A 71 8.89 -5.89 -11.55
C ASP A 71 8.58 -4.54 -12.21
N ALA A 72 9.28 -4.23 -13.30
CA ALA A 72 9.06 -2.99 -14.04
C ALA A 72 7.68 -2.98 -14.68
N LEU A 73 7.20 -4.16 -15.09
CA LEU A 73 5.89 -4.25 -15.72
C LEU A 73 4.78 -3.90 -14.75
N LEU A 74 4.84 -4.46 -13.54
CA LEU A 74 3.80 -4.23 -12.54
C LEU A 74 3.91 -2.87 -11.89
N GLY A 75 5.09 -2.26 -11.88
CA GLY A 75 5.26 -0.97 -11.26
C GLY A 75 5.66 -1.07 -9.81
N ASP A 76 6.63 -1.92 -9.52
CA ASP A 76 7.13 -2.03 -8.16
C ASP A 76 7.66 -0.67 -7.72
N PRO A 77 7.51 -0.30 -6.44
CA PRO A 77 7.89 1.07 -6.05
C PRO A 77 9.30 1.48 -6.43
N HIS A 78 10.27 0.59 -6.34
CA HIS A 78 11.63 0.93 -6.73
C HIS A 78 11.88 0.75 -8.21
N CYS A 79 10.86 0.41 -8.99
CA CYS A 79 10.97 0.28 -10.43
C CYS A 79 10.10 1.30 -11.17
N ASP A 80 9.78 2.42 -10.54
CA ASP A 80 8.97 3.44 -11.19
C ASP A 80 9.73 4.24 -12.22
N VAL A 81 11.03 3.99 -12.39
CA VAL A 81 11.79 4.73 -13.38
C VAL A 81 11.59 4.14 -14.77
N PHE A 82 11.03 2.94 -14.88
CA PHE A 82 10.77 2.30 -16.17
C PHE A 82 9.33 2.60 -16.58
N GLN A 83 9.18 3.67 -17.34
CA GLN A 83 7.89 4.04 -17.90
C GLN A 83 8.11 4.53 -19.33
N ASN A 84 7.26 4.07 -20.24
CA ASN A 84 7.41 4.39 -21.67
C ASN A 84 8.79 3.99 -22.18
N GLU A 85 9.29 2.85 -21.71
CA GLU A 85 10.64 2.43 -22.06
C GLU A 85 10.65 1.67 -23.38
N THR A 86 11.84 1.57 -23.96
CA THR A 86 12.06 0.85 -25.20
C THR A 86 13.41 0.16 -25.12
N TRP A 87 13.55 -0.95 -25.83
CA TRP A 87 14.82 -1.66 -25.78
C TRP A 87 14.94 -2.61 -26.95
N ASP A 88 16.17 -2.85 -27.37
CA ASP A 88 16.46 -4.01 -28.22
C ASP A 88 16.79 -5.22 -27.37
N LEU A 89 17.44 -5.00 -26.24
CA LEU A 89 17.85 -6.06 -25.33
C LEU A 89 17.67 -5.56 -23.91
N PHE A 90 16.76 -6.18 -23.17
CA PHE A 90 16.61 -5.88 -21.76
C PHE A 90 17.57 -6.76 -20.98
N VAL A 91 18.54 -6.15 -20.31
CA VAL A 91 19.52 -6.87 -19.51
C VAL A 91 19.00 -6.95 -18.09
N GLU A 92 18.82 -8.17 -17.60
CA GLU A 92 18.21 -8.42 -16.31
C GLU A 92 19.27 -8.93 -15.35
N ARG A 93 19.64 -8.11 -14.38
CA ARG A 93 20.74 -8.44 -13.48
C ARG A 93 20.34 -9.57 -12.54
N SER A 94 21.32 -10.42 -12.23
CA SER A 94 21.07 -11.52 -11.30
C SER A 94 20.78 -11.00 -9.90
N LYS A 95 21.15 -9.76 -9.62
CA LYS A 95 20.89 -9.17 -8.31
C LYS A 95 19.56 -8.42 -8.24
N ALA A 96 18.78 -8.43 -9.31
CA ALA A 96 17.48 -7.79 -9.28
C ALA A 96 16.60 -8.46 -8.23
N PHE A 97 15.84 -7.65 -7.50
CA PHE A 97 15.03 -8.16 -6.41
C PHE A 97 13.70 -7.43 -6.39
N SER A 98 12.68 -8.12 -5.86
CA SER A 98 11.37 -7.50 -5.66
C SER A 98 11.27 -6.98 -4.23
N ASN A 99 10.57 -5.86 -4.07
CA ASN A 99 10.37 -5.27 -2.76
C ASN A 99 8.93 -4.90 -2.46
N CYS A 100 7.99 -5.24 -3.34
CA CYS A 100 6.57 -4.99 -3.09
C CYS A 100 5.89 -6.22 -2.49
N TYR A 101 4.58 -6.21 -2.48
CA TYR A 101 3.80 -7.34 -1.99
C TYR A 101 4.35 -8.64 -2.57
N PRO A 102 4.46 -9.71 -1.77
CA PRO A 102 4.91 -11.00 -2.32
C PRO A 102 3.91 -11.54 -3.32
N TYR A 103 4.41 -12.06 -4.43
CA TYR A 103 3.54 -12.54 -5.50
C TYR A 103 4.25 -13.60 -6.30
N ASP A 104 3.47 -14.35 -7.07
CA ASP A 104 4.00 -15.29 -8.03
C ASP A 104 3.21 -15.16 -9.32
N VAL A 105 3.84 -15.52 -10.43
CA VAL A 105 3.23 -15.37 -11.74
C VAL A 105 3.07 -16.75 -12.37
N PRO A 106 1.91 -17.39 -12.27
CA PRO A 106 1.69 -18.61 -13.05
C PRO A 106 1.82 -18.30 -14.53
N ASP A 107 2.56 -19.16 -15.24
CA ASP A 107 2.90 -18.89 -16.63
C ASP A 107 3.82 -17.69 -16.73
N TYR A 108 4.83 -17.65 -15.86
CA TYR A 108 5.76 -16.53 -15.82
C TYR A 108 6.56 -16.43 -17.11
N ALA A 109 7.04 -17.57 -17.61
CA ALA A 109 7.91 -17.55 -18.77
C ALA A 109 7.22 -16.95 -19.98
N SER A 110 5.95 -17.30 -20.19
CA SER A 110 5.24 -16.78 -21.35
C SER A 110 5.09 -15.27 -21.28
N LEU A 111 4.69 -14.74 -20.11
CA LEU A 111 4.55 -13.29 -19.98
C LEU A 111 5.89 -12.60 -20.17
N ARG A 112 6.95 -13.13 -19.55
CA ARG A 112 8.26 -12.51 -19.69
C ARG A 112 8.70 -12.50 -21.15
N SER A 113 8.55 -13.63 -21.83
CA SER A 113 8.95 -13.71 -23.24
C SER A 113 8.13 -12.75 -24.09
N LEU A 114 6.83 -12.68 -23.87
CA LEU A 114 5.98 -11.80 -24.65
C LEU A 114 6.39 -10.34 -24.47
N VAL A 115 6.50 -9.89 -23.22
CA VAL A 115 6.83 -8.50 -22.97
C VAL A 115 8.21 -8.18 -23.50
N ALA A 116 9.18 -9.07 -23.26
CA ALA A 116 10.54 -8.83 -23.73
C ALA A 116 10.57 -8.72 -25.25
N SER A 117 9.86 -9.61 -25.94
CA SER A 117 9.80 -9.54 -27.39
C SER A 117 9.06 -8.30 -27.87
N SER A 118 8.19 -7.73 -27.05
CA SER A 118 7.49 -6.52 -27.46
C SER A 118 8.47 -5.36 -27.67
N GLY A 119 9.41 -5.19 -26.76
CA GLY A 119 10.34 -4.09 -26.85
C GLY A 119 9.81 -2.76 -26.37
N THR A 120 8.73 -2.75 -25.59
CA THR A 120 8.20 -1.52 -25.04
C THR A 120 7.46 -1.81 -23.74
N LEU A 121 7.43 -0.81 -22.86
CA LEU A 121 6.59 -0.85 -21.66
C LEU A 121 5.69 0.36 -21.64
N GLU A 122 5.05 0.66 -22.76
CA GLU A 122 4.14 1.80 -22.85
C GLU A 122 2.83 1.44 -22.17
N PHE A 123 2.55 2.08 -21.05
CA PHE A 123 1.35 1.82 -20.27
C PHE A 123 0.36 2.97 -20.44
N ILE A 124 -0.86 2.63 -20.82
CA ILE A 124 -1.93 3.62 -21.01
C ILE A 124 -3.01 3.35 -19.98
N THR A 125 -3.32 4.36 -19.17
CA THR A 125 -4.36 4.21 -18.17
C THR A 125 -5.72 4.18 -18.84
N GLU A 126 -6.63 3.37 -18.28
CA GLU A 126 -8.01 3.30 -18.76
C GLU A 126 -8.95 3.66 -17.63
N GLY A 127 -10.12 4.20 -17.99
CA GLY A 127 -11.09 4.59 -17.01
C GLY A 127 -12.03 3.47 -16.63
N PHE A 128 -11.52 2.49 -15.90
CA PHE A 128 -12.38 1.43 -15.38
C PHE A 128 -13.36 2.00 -14.38
N THR A 129 -14.61 1.53 -14.44
CA THR A 129 -15.65 1.99 -13.52
C THR A 129 -15.96 0.89 -12.51
N TRP A 130 -15.24 0.96 -11.39
CA TRP A 130 -15.43 -0.01 -10.31
C TRP A 130 -16.44 0.53 -9.32
N THR A 131 -17.73 0.28 -9.56
CA THR A 131 -18.76 0.83 -8.67
C THR A 131 -18.95 -0.05 -7.46
N GLY A 132 -19.03 0.57 -6.29
CA GLY A 132 -19.32 -0.15 -5.07
C GLY A 132 -18.15 -0.78 -4.38
N VAL A 133 -16.92 -0.46 -4.79
CA VAL A 133 -15.72 -0.99 -4.15
C VAL A 133 -14.76 0.16 -3.89
N THR A 134 -13.89 -0.05 -2.89
CA THR A 134 -12.82 0.91 -2.53
C THR A 134 -11.60 0.61 -3.40
N GLN A 135 -11.02 1.63 -4.02
CA GLN A 135 -9.89 1.44 -4.92
C GLN A 135 -8.58 1.81 -4.22
N ASN A 136 -7.48 1.65 -4.94
CA ASN A 136 -6.17 2.09 -4.49
C ASN A 136 -5.80 1.47 -3.15
N GLY A 137 -6.15 0.21 -2.94
CA GLY A 137 -5.71 -0.47 -1.75
C GLY A 137 -4.20 -0.66 -1.73
N GLY A 138 -3.67 -0.87 -0.54
CA GLY A 138 -2.23 -0.96 -0.41
C GLY A 138 -1.84 -1.90 0.71
N SER A 139 -0.55 -1.90 1.00
CA SER A 139 0.00 -2.76 2.05
C SER A 139 1.22 -2.10 2.64
N ASN A 140 1.56 -2.49 3.86
CA ASN A 140 2.78 -1.98 4.48
C ASN A 140 4.02 -2.72 4.00
N ALA A 141 3.85 -3.83 3.28
CA ALA A 141 4.98 -4.53 2.68
C ALA A 141 5.44 -3.88 1.39
N CYS A 142 4.73 -2.86 0.90
CA CYS A 142 5.08 -2.19 -0.34
C CYS A 142 5.12 -0.69 -0.03
N LYS A 143 6.26 -0.22 0.46
CA LYS A 143 6.40 1.17 0.87
C LYS A 143 6.59 2.04 -0.37
N ARG A 144 5.52 2.68 -0.83
CA ARG A 144 5.60 3.60 -1.96
C ARG A 144 6.30 4.89 -1.55
N GLY A 145 5.75 5.59 -0.56
CA GLY A 145 6.41 6.73 0.02
C GLY A 145 6.95 6.37 1.39
N PRO A 146 6.53 7.11 2.43
CA PRO A 146 6.81 6.64 3.79
C PRO A 146 5.79 5.64 4.30
N GLY A 147 4.56 5.71 3.80
CA GLY A 147 3.49 4.85 4.25
C GLY A 147 3.27 3.64 3.36
N SER A 148 2.06 3.10 3.44
CA SER A 148 1.72 1.92 2.66
C SER A 148 1.59 2.27 1.19
N GLY A 149 1.74 1.26 0.34
CA GLY A 149 1.64 1.45 -1.08
C GLY A 149 1.33 0.14 -1.77
N PHE A 150 1.48 0.15 -3.09
CA PHE A 150 1.18 -1.03 -3.89
C PHE A 150 1.80 -0.85 -5.25
N PHE A 151 1.67 -1.88 -6.09
CA PHE A 151 2.08 -1.77 -7.47
C PHE A 151 1.36 -0.60 -8.13
N SER A 152 2.10 0.20 -8.89
CA SER A 152 1.49 1.36 -9.51
C SER A 152 0.60 0.99 -10.70
N ARG A 153 0.80 -0.17 -11.29
CA ARG A 153 0.01 -0.59 -12.44
C ARG A 153 -1.16 -1.49 -12.09
N LEU A 154 -1.35 -1.81 -10.82
CA LEU A 154 -2.44 -2.66 -10.38
C LEU A 154 -3.29 -1.91 -9.37
N ASN A 155 -4.57 -2.24 -9.35
CA ASN A 155 -5.57 -1.56 -8.53
C ASN A 155 -6.16 -2.59 -7.59
N TRP A 156 -5.89 -2.45 -6.30
CA TRP A 156 -6.37 -3.39 -5.30
C TRP A 156 -7.75 -2.97 -4.85
N LEU A 157 -8.78 -3.69 -5.32
CA LEU A 157 -10.15 -3.37 -4.96
C LEU A 157 -10.51 -4.03 -3.64
N THR A 158 -11.22 -3.30 -2.79
CA THR A 158 -11.59 -3.76 -1.46
C THR A 158 -13.05 -3.40 -1.20
N LYS A 159 -13.65 -4.10 -0.24
CA LYS A 159 -15.05 -3.87 0.08
C LYS A 159 -15.30 -2.41 0.43
N SER A 160 -16.40 -1.87 -0.08
CA SER A 160 -16.84 -0.51 0.21
C SER A 160 -17.89 -0.58 1.29
N GLY A 161 -17.55 -0.10 2.47
CA GLY A 161 -18.45 -0.14 3.60
C GLY A 161 -18.63 -1.54 4.10
N SER A 162 -19.83 -2.09 3.91
CA SER A 162 -20.14 -3.42 4.40
C SER A 162 -20.55 -4.36 3.27
N THR A 163 -20.16 -4.05 2.04
CA THR A 163 -20.58 -4.83 0.89
C THR A 163 -19.50 -4.77 -0.19
N TYR A 164 -19.52 -5.77 -1.06
CA TYR A 164 -18.60 -5.86 -2.18
C TYR A 164 -19.36 -6.44 -3.37
N PRO A 165 -19.89 -5.61 -4.27
CA PRO A 165 -20.78 -6.12 -5.30
C PRO A 165 -20.06 -7.07 -6.24
N VAL A 166 -20.83 -7.66 -7.14
CA VAL A 166 -20.27 -8.49 -8.20
C VAL A 166 -19.83 -7.58 -9.34
N LEU A 167 -18.56 -7.22 -9.36
CA LEU A 167 -18.02 -6.37 -10.40
C LEU A 167 -18.18 -7.04 -11.75
N ASN A 168 -18.67 -6.28 -12.73
CA ASN A 168 -18.95 -6.81 -14.06
C ASN A 168 -18.55 -5.79 -15.13
N VAL A 169 -17.37 -5.20 -14.98
CA VAL A 169 -16.94 -4.17 -15.92
C VAL A 169 -16.50 -4.80 -17.22
N THR A 170 -16.33 -3.96 -18.24
CA THR A 170 -15.87 -4.40 -19.55
C THR A 170 -15.26 -3.22 -20.29
N MET A 171 -14.14 -3.44 -20.95
CA MET A 171 -13.45 -2.41 -21.72
C MET A 171 -13.19 -2.93 -23.12
N PRO A 172 -13.94 -2.47 -24.13
CA PRO A 172 -13.72 -2.97 -25.48
C PRO A 172 -12.42 -2.42 -26.07
N ASN A 173 -11.82 -3.21 -26.97
CA ASN A 173 -10.59 -2.83 -27.65
C ASN A 173 -10.93 -2.34 -29.05
N ASN A 174 -11.25 -1.05 -29.14
CA ASN A 174 -11.58 -0.44 -30.41
C ASN A 174 -10.35 0.01 -31.19
N ASP A 175 -9.16 -0.04 -30.59
CA ASP A 175 -7.94 0.35 -31.27
C ASP A 175 -7.52 -0.73 -32.25
N ASN A 176 -6.32 -0.56 -32.82
CA ASN A 176 -5.79 -1.45 -33.84
C ASN A 176 -4.56 -2.22 -33.40
N PHE A 177 -4.32 -2.33 -32.09
CA PHE A 177 -3.18 -3.04 -31.57
C PHE A 177 -3.60 -3.91 -30.40
N ASP A 178 -2.84 -4.98 -30.17
CA ASP A 178 -3.14 -5.87 -29.05
C ASP A 178 -2.92 -5.14 -27.73
N LYS A 179 -3.85 -5.33 -26.80
CA LYS A 179 -3.75 -4.76 -25.47
C LYS A 179 -3.40 -5.84 -24.48
N LEU A 180 -2.43 -5.59 -23.62
CA LEU A 180 -2.04 -6.52 -22.58
C LEU A 180 -2.52 -5.98 -21.25
N TYR A 181 -3.41 -6.73 -20.59
CA TYR A 181 -3.91 -6.37 -19.28
C TYR A 181 -3.26 -7.27 -18.24
N ILE A 182 -2.63 -6.66 -17.24
CA ILE A 182 -2.04 -7.38 -16.12
C ILE A 182 -2.96 -7.21 -14.92
N TRP A 183 -3.51 -8.31 -14.44
CA TRP A 183 -4.37 -8.32 -13.27
C TRP A 183 -3.92 -9.46 -12.38
N GLY A 184 -4.54 -9.56 -11.21
CA GLY A 184 -4.18 -10.61 -10.28
C GLY A 184 -5.31 -10.94 -9.35
N ILE A 185 -5.15 -12.05 -8.63
CA ILE A 185 -6.13 -12.54 -7.62
C ILE A 185 -5.41 -12.64 -6.28
N HIS A 186 -5.91 -11.93 -5.26
CA HIS A 186 -5.28 -11.90 -3.95
C HIS A 186 -5.65 -13.15 -3.17
N HIS A 187 -4.68 -13.70 -2.45
CA HIS A 187 -4.88 -14.92 -1.66
C HIS A 187 -4.79 -14.58 -0.18
N PRO A 188 -5.90 -14.32 0.50
CA PRO A 188 -5.82 -13.95 1.91
C PRO A 188 -5.24 -15.07 2.75
N SER A 189 -4.61 -14.69 3.86
CA SER A 189 -3.97 -15.67 4.71
C SER A 189 -4.97 -16.44 5.56
N THR A 190 -6.18 -15.93 5.75
CA THR A 190 -7.16 -16.60 6.59
C THR A 190 -8.56 -16.27 6.08
N ASP A 191 -9.54 -17.04 6.60
CA ASP A 191 -10.96 -16.84 6.25
C ASP A 191 -11.40 -15.49 6.83
N GLN A 192 -10.92 -15.13 8.03
CA GLN A 192 -11.27 -13.85 8.63
C GLN A 192 -10.72 -12.70 7.79
N GLU A 193 -9.49 -12.83 7.33
CA GLU A 193 -8.92 -11.82 6.45
C GLU A 193 -9.69 -11.73 5.14
N GLN A 194 -10.08 -12.87 4.58
CA GLN A 194 -10.85 -12.88 3.35
C GLN A 194 -12.13 -12.09 3.52
N THR A 195 -12.88 -12.36 4.58
CA THR A 195 -14.14 -11.64 4.80
C THR A 195 -13.89 -10.17 5.11
N SER A 196 -12.86 -9.86 5.89
CA SER A 196 -12.59 -8.47 6.23
C SER A 196 -12.27 -7.64 5.00
N LEU A 197 -11.35 -8.11 4.16
CA LEU A 197 -11.07 -7.38 2.93
C LEU A 197 -12.23 -7.45 1.97
N TYR A 198 -12.81 -8.62 1.79
CA TYR A 198 -13.74 -8.88 0.70
C TYR A 198 -14.94 -9.53 1.35
N VAL A 199 -16.10 -8.87 1.33
CA VAL A 199 -17.17 -9.34 2.20
C VAL A 199 -17.48 -10.80 1.95
N GLN A 200 -17.35 -11.26 0.72
CA GLN A 200 -17.71 -12.62 0.38
C GLN A 200 -16.71 -13.61 1.00
N ALA A 201 -17.24 -14.73 1.49
CA ALA A 201 -16.40 -15.72 2.16
C ALA A 201 -15.43 -16.40 1.21
N SER A 202 -15.71 -16.41 -0.09
CA SER A 202 -14.82 -17.03 -1.06
C SER A 202 -14.96 -16.27 -2.37
N GLY A 203 -13.89 -15.60 -2.77
CA GLY A 203 -13.92 -14.77 -3.95
C GLY A 203 -13.75 -15.57 -5.22
N ARG A 204 -13.67 -14.83 -6.33
CA ARG A 204 -13.54 -15.42 -7.65
C ARG A 204 -13.25 -14.32 -8.64
N VAL A 205 -12.39 -14.60 -9.60
CA VAL A 205 -12.04 -13.65 -10.65
C VAL A 205 -12.19 -14.38 -11.98
N THR A 206 -13.04 -13.84 -12.85
CA THR A 206 -13.24 -14.40 -14.18
C THR A 206 -12.97 -13.31 -15.21
N VAL A 207 -11.80 -13.36 -15.83
CA VAL A 207 -11.45 -12.45 -16.90
C VAL A 207 -11.62 -13.21 -18.21
N SER A 208 -12.47 -12.69 -19.08
CA SER A 208 -12.85 -13.40 -20.29
C SER A 208 -12.81 -12.46 -21.48
N THR A 209 -12.57 -13.05 -22.64
CA THR A 209 -12.69 -12.36 -23.92
C THR A 209 -13.40 -13.29 -24.88
N ARG A 210 -13.45 -12.90 -26.15
CA ARG A 210 -14.03 -13.78 -27.16
C ARG A 210 -13.20 -15.06 -27.29
N ARG A 211 -11.87 -14.92 -27.26
CA ARG A 211 -11.01 -16.06 -27.53
C ARG A 211 -11.03 -17.08 -26.40
N SER A 212 -10.90 -16.63 -25.16
CA SER A 212 -10.71 -17.53 -24.03
C SER A 212 -11.13 -16.83 -22.76
N GLN A 213 -11.14 -17.59 -21.67
CA GLN A 213 -11.46 -17.05 -20.36
C GLN A 213 -10.65 -17.77 -19.29
N GLN A 214 -10.37 -17.05 -18.20
CA GLN A 214 -9.66 -17.59 -17.05
C GLN A 214 -10.53 -17.37 -15.82
N THR A 215 -10.74 -18.44 -15.06
CA THR A 215 -11.49 -18.39 -13.81
C THR A 215 -10.58 -18.85 -12.69
N ILE A 216 -10.26 -17.95 -11.77
CA ILE A 216 -9.31 -18.21 -10.70
C ILE A 216 -10.06 -18.12 -9.38
N ILE A 217 -9.91 -19.14 -8.55
CA ILE A 217 -10.48 -19.16 -7.20
C ILE A 217 -9.32 -19.05 -6.21
N PRO A 218 -9.31 -18.03 -5.35
CA PRO A 218 -8.17 -17.84 -4.44
C PRO A 218 -8.04 -19.01 -3.46
N ASN A 219 -6.81 -19.31 -3.07
CA ASN A 219 -6.51 -20.36 -2.11
C ASN A 219 -6.19 -19.70 -0.78
N ILE A 220 -7.19 -19.61 0.10
CA ILE A 220 -6.97 -19.00 1.41
C ILE A 220 -6.10 -19.92 2.25
N GLY A 221 -5.10 -19.35 2.89
CA GLY A 221 -4.21 -20.12 3.74
C GLY A 221 -2.96 -19.35 4.12
N SER A 222 -2.35 -19.70 5.24
CA SER A 222 -1.20 -18.98 5.76
C SER A 222 0.07 -19.52 5.13
N ARG A 223 0.77 -18.67 4.38
CA ARG A 223 2.09 -19.01 3.88
C ARG A 223 3.15 -18.44 4.80
N PRO A 224 4.41 -18.80 4.59
CA PRO A 224 5.49 -18.20 5.37
C PRO A 224 5.54 -16.70 5.15
N TRP A 225 5.92 -15.98 6.19
CA TRP A 225 6.02 -14.53 6.09
C TRP A 225 7.03 -14.13 5.03
N VAL A 226 6.64 -13.21 4.16
CA VAL A 226 7.55 -12.53 3.25
C VAL A 226 7.30 -11.05 3.41
N ARG A 227 8.25 -10.35 4.04
CA ARG A 227 8.06 -8.95 4.40
C ARG A 227 6.88 -8.79 5.33
N GLY A 228 6.68 -9.78 6.20
CA GLY A 228 5.65 -9.71 7.21
C GLY A 228 4.27 -10.10 6.75
N LEU A 229 4.12 -10.63 5.55
CA LEU A 229 2.82 -10.99 4.99
C LEU A 229 2.75 -12.49 4.78
N SER A 230 1.70 -13.10 5.29
CA SER A 230 1.43 -14.51 5.01
C SER A 230 0.51 -14.70 3.83
N SER A 231 0.05 -13.62 3.21
CA SER A 231 -0.80 -13.68 2.03
C SER A 231 0.04 -13.48 0.78
N ARG A 232 -0.56 -13.79 -0.37
CA ARG A 232 0.14 -13.75 -1.63
C ARG A 232 -0.75 -13.13 -2.69
N ILE A 233 -0.14 -12.78 -3.82
CA ILE A 233 -0.84 -12.31 -5.00
C ILE A 233 -0.38 -13.13 -6.19
N SER A 234 -1.33 -13.56 -7.01
CA SER A 234 -1.02 -14.25 -8.25
C SER A 234 -1.32 -13.30 -9.40
N ILE A 235 -0.37 -13.16 -10.32
CA ILE A 235 -0.46 -12.21 -11.41
C ILE A 235 -0.81 -12.98 -12.68
N TYR A 236 -1.87 -12.55 -13.35
CA TYR A 236 -2.29 -13.13 -14.61
C TYR A 236 -2.32 -12.04 -15.66
N TRP A 237 -2.36 -12.45 -16.92
CA TRP A 237 -2.34 -11.49 -18.03
C TRP A 237 -3.33 -11.94 -19.09
N THR A 238 -3.78 -10.99 -19.88
CA THR A 238 -4.78 -11.25 -20.92
C THR A 238 -4.47 -10.37 -22.11
N ILE A 239 -4.37 -10.99 -23.28
CA ILE A 239 -4.19 -10.24 -24.53
C ILE A 239 -5.55 -10.02 -25.17
N VAL A 240 -5.88 -8.77 -25.45
CA VAL A 240 -7.16 -8.39 -26.03
C VAL A 240 -6.88 -7.91 -27.45
N LYS A 241 -7.21 -8.73 -28.43
CA LYS A 241 -6.97 -8.39 -29.82
C LYS A 241 -7.86 -7.22 -30.24
N PRO A 242 -7.50 -6.54 -31.33
CA PRO A 242 -8.36 -5.47 -31.81
C PRO A 242 -9.76 -5.97 -32.14
N GLY A 243 -10.77 -5.17 -31.82
CA GLY A 243 -12.14 -5.56 -32.01
C GLY A 243 -12.67 -6.52 -30.97
N ASP A 244 -11.83 -6.96 -30.04
CA ASP A 244 -12.24 -7.86 -28.98
C ASP A 244 -12.58 -7.06 -27.72
N VAL A 245 -13.23 -7.72 -26.77
CA VAL A 245 -13.74 -7.04 -25.57
C VAL A 245 -13.24 -7.78 -24.35
N LEU A 246 -12.72 -7.03 -23.37
CA LEU A 246 -12.34 -7.59 -22.09
C LEU A 246 -13.51 -7.54 -21.13
N VAL A 247 -13.78 -8.66 -20.46
CA VAL A 247 -14.85 -8.75 -19.47
C VAL A 247 -14.24 -9.25 -18.17
N ILE A 248 -14.25 -8.39 -17.16
CA ILE A 248 -13.76 -8.75 -15.83
C ILE A 248 -14.97 -8.90 -14.92
N ASN A 249 -15.24 -10.13 -14.50
CA ASN A 249 -16.31 -10.41 -13.56
C ASN A 249 -15.72 -10.97 -12.28
N SER A 250 -16.02 -10.34 -11.16
CA SER A 250 -15.42 -10.73 -9.90
C SER A 250 -16.35 -10.38 -8.75
N ASN A 251 -16.36 -11.22 -7.74
CA ASN A 251 -17.05 -10.94 -6.48
C ASN A 251 -16.10 -10.99 -5.29
N GLY A 252 -14.80 -10.80 -5.54
CA GLY A 252 -13.84 -10.77 -4.46
C GLY A 252 -12.47 -11.17 -4.94
N ASN A 253 -11.47 -10.61 -4.26
CA ASN A 253 -10.06 -10.95 -4.43
C ASN A 253 -9.46 -10.44 -5.73
N LEU A 254 -10.15 -9.54 -6.44
CA LEU A 254 -9.62 -9.03 -7.69
C LEU A 254 -8.57 -7.97 -7.41
N ILE A 255 -7.40 -8.13 -8.02
CA ILE A 255 -6.39 -7.08 -8.08
C ILE A 255 -6.52 -6.45 -9.46
N ALA A 256 -7.37 -5.46 -9.58
CA ALA A 256 -7.80 -5.02 -10.89
C ALA A 256 -6.67 -4.33 -11.64
N PRO A 257 -6.72 -4.34 -12.97
CA PRO A 257 -5.76 -3.57 -13.75
C PRO A 257 -6.12 -2.09 -13.75
N ARG A 258 -5.10 -1.25 -13.95
CA ARG A 258 -5.32 0.17 -14.14
C ARG A 258 -5.30 0.58 -15.60
N GLY A 259 -5.01 -0.34 -16.50
CA GLY A 259 -4.90 0.00 -17.90
C GLY A 259 -4.31 -1.16 -18.68
N TYR A 260 -3.75 -0.83 -19.84
CA TYR A 260 -3.21 -1.82 -20.74
C TYR A 260 -1.83 -1.41 -21.20
N PHE A 261 -1.00 -2.39 -21.52
CA PHE A 261 0.29 -2.14 -22.13
C PHE A 261 0.14 -2.26 -23.64
N LYS A 262 0.53 -1.21 -24.35
CA LYS A 262 0.42 -1.21 -25.81
C LYS A 262 1.43 -2.18 -26.38
N MET A 263 0.98 -3.37 -26.73
CA MET A 263 1.87 -4.38 -27.29
C MET A 263 2.19 -4.07 -28.74
N ARG A 264 3.39 -4.49 -29.16
CA ARG A 264 3.79 -4.41 -30.56
C ARG A 264 4.49 -5.70 -30.94
N THR A 265 4.45 -6.02 -32.22
CA THR A 265 5.10 -7.24 -32.74
C THR A 265 6.58 -6.96 -32.95
N GLY A 266 7.30 -6.86 -31.84
CA GLY A 266 8.71 -6.59 -31.90
C GLY A 266 9.55 -7.85 -31.98
N LYS A 267 10.85 -7.65 -32.14
CA LYS A 267 11.82 -8.75 -32.16
C LYS A 267 12.93 -8.54 -31.14
N SER A 268 12.76 -7.61 -30.22
CA SER A 268 13.74 -7.43 -29.16
C SER A 268 13.75 -8.66 -28.26
N SER A 269 14.67 -8.67 -27.31
CA SER A 269 14.87 -9.83 -26.46
C SER A 269 15.26 -9.39 -25.06
N ILE A 270 15.34 -10.35 -24.16
CA ILE A 270 15.73 -10.14 -22.78
C ILE A 270 16.82 -11.14 -22.44
N MET A 271 17.79 -10.70 -21.65
CA MET A 271 18.97 -11.50 -21.38
C MET A 271 19.37 -11.33 -19.92
N ARG A 272 19.74 -12.44 -19.27
CA ARG A 272 20.24 -12.40 -17.90
C ARG A 272 21.76 -12.30 -17.93
N SER A 273 22.30 -11.26 -17.33
CA SER A 273 23.75 -11.04 -17.41
C SER A 273 24.17 -10.06 -16.33
N ASP A 274 25.27 -10.37 -15.66
CA ASP A 274 25.87 -9.48 -14.68
C ASP A 274 26.97 -8.62 -15.26
N ALA A 275 27.25 -8.73 -16.55
CA ALA A 275 28.29 -7.93 -17.17
C ALA A 275 27.89 -6.47 -17.18
N PRO A 276 28.77 -5.54 -16.79
CA PRO A 276 28.40 -4.13 -16.84
C PRO A 276 28.35 -3.61 -18.27
N ILE A 277 27.68 -2.47 -18.44
CA ILE A 277 27.50 -1.85 -19.74
C ILE A 277 28.51 -0.74 -19.91
N ASP A 278 29.26 -0.78 -21.01
CA ASP A 278 30.31 0.19 -21.28
C ASP A 278 30.01 0.89 -22.60
N THR A 279 30.66 2.03 -22.81
CA THR A 279 30.50 2.80 -24.04
C THR A 279 31.35 2.27 -25.19
N CYS A 280 31.22 0.98 -25.48
CA CYS A 280 31.88 0.35 -26.61
C CYS A 280 30.86 0.06 -27.72
N ILE A 281 31.33 -0.51 -28.82
CA ILE A 281 30.49 -0.86 -29.95
C ILE A 281 30.77 -2.29 -30.36
N SER A 282 29.74 -3.12 -30.37
CA SER A 282 29.85 -4.51 -30.80
C SER A 282 28.52 -4.96 -31.34
N GLU A 283 28.54 -5.59 -32.51
CA GLU A 283 27.30 -5.97 -33.17
C GLU A 283 26.58 -7.10 -32.44
N CYS A 284 27.23 -7.74 -31.49
CA CYS A 284 26.62 -8.87 -30.80
C CYS A 284 26.87 -8.80 -29.30
N ILE A 285 25.99 -9.46 -28.55
CA ILE A 285 26.01 -9.47 -27.10
C ILE A 285 25.76 -10.88 -26.62
N THR A 286 26.47 -11.27 -25.58
CA THR A 286 26.28 -12.55 -24.92
C THR A 286 26.21 -12.29 -23.42
N PRO A 287 25.62 -13.21 -22.67
CA PRO A 287 25.53 -12.99 -21.22
C PRO A 287 26.88 -12.70 -20.59
N ASN A 288 27.95 -13.21 -21.18
CA ASN A 288 29.31 -12.90 -20.75
C ASN A 288 29.79 -11.55 -21.23
N GLY A 289 29.01 -10.87 -22.06
CA GLY A 289 29.40 -9.58 -22.62
C GLY A 289 29.55 -9.64 -24.12
N SER A 290 29.99 -8.51 -24.67
CA SER A 290 30.20 -8.41 -26.10
C SER A 290 31.31 -9.34 -26.54
N ILE A 291 31.22 -9.80 -27.79
CA ILE A 291 32.28 -10.59 -28.40
C ILE A 291 32.48 -10.10 -29.82
N PRO A 292 33.71 -10.04 -30.32
CA PRO A 292 33.90 -9.77 -31.75
C PRO A 292 33.21 -10.84 -32.59
N ASN A 293 32.51 -10.40 -33.63
CA ASN A 293 31.66 -11.27 -34.42
C ASN A 293 32.24 -11.59 -35.79
N ASP A 294 33.52 -11.30 -36.02
CA ASP A 294 34.14 -11.57 -37.31
C ASP A 294 34.49 -13.05 -37.50
N LYS A 295 34.84 -13.77 -36.43
CA LYS A 295 35.29 -15.14 -36.58
C LYS A 295 34.13 -16.02 -37.03
N PRO A 296 34.39 -17.05 -37.85
CA PRO A 296 33.28 -17.92 -38.29
C PRO A 296 32.48 -18.53 -37.17
N PHE A 297 33.09 -18.80 -36.01
CA PHE A 297 32.41 -19.48 -34.92
C PHE A 297 32.73 -18.80 -33.60
N GLN A 298 31.96 -19.14 -32.58
CA GLN A 298 32.22 -18.69 -31.23
C GLN A 298 31.73 -19.75 -30.26
N ASN A 299 32.34 -19.79 -29.08
CA ASN A 299 31.95 -20.73 -28.04
C ASN A 299 31.79 -20.06 -26.68
N VAL A 300 31.69 -18.73 -26.66
CA VAL A 300 31.56 -18.03 -25.39
C VAL A 300 30.28 -18.43 -24.67
N ASN A 301 29.17 -18.44 -25.41
CA ASN A 301 27.89 -18.80 -24.81
C ASN A 301 26.93 -19.24 -25.91
N LYS A 302 25.98 -20.09 -25.53
CA LYS A 302 24.95 -20.51 -26.46
C LYS A 302 23.90 -19.43 -26.66
N ILE A 303 23.68 -18.59 -25.65
CA ILE A 303 22.72 -17.50 -25.74
C ILE A 303 23.44 -16.28 -26.30
N THR A 304 22.97 -15.78 -27.43
CA THR A 304 23.55 -14.59 -28.03
C THR A 304 22.44 -13.73 -28.59
N TYR A 305 22.73 -12.43 -28.70
CA TYR A 305 21.81 -11.49 -29.32
C TYR A 305 22.58 -10.67 -30.34
N GLY A 306 21.96 -10.47 -31.50
CA GLY A 306 22.62 -9.74 -32.56
C GLY A 306 23.27 -10.66 -33.57
N ALA A 307 24.06 -10.05 -34.45
CA ALA A 307 24.66 -10.75 -35.58
C ALA A 307 26.06 -11.25 -35.25
N CYS A 308 26.11 -12.44 -34.63
CA CYS A 308 27.39 -13.06 -34.33
C CYS A 308 27.36 -14.57 -34.53
N PRO A 309 28.54 -15.19 -34.63
CA PRO A 309 28.64 -16.51 -35.25
C PRO A 309 27.89 -17.59 -34.48
N LYS A 310 27.77 -18.74 -35.15
CA LYS A 310 27.06 -19.88 -34.56
C LYS A 310 27.85 -20.45 -33.39
N TYR A 311 27.13 -21.02 -32.44
CA TYR A 311 27.76 -21.58 -31.25
C TYR A 311 28.29 -22.97 -31.52
N VAL A 312 29.50 -23.24 -31.02
CA VAL A 312 30.12 -24.55 -31.13
C VAL A 312 30.67 -24.92 -29.76
N LYS A 313 30.34 -26.13 -29.30
CA LYS A 313 30.75 -26.58 -27.97
C LYS A 313 32.25 -26.47 -27.78
N GLU B 23 32.58 1.03 -50.36
CA GLU B 23 32.48 -0.44 -50.57
C GLU B 23 31.04 -0.90 -50.43
N VAL B 24 30.44 -0.65 -49.26
CA VAL B 24 29.06 -1.04 -49.04
C VAL B 24 28.15 -0.14 -49.85
N GLN B 25 27.41 -0.73 -50.78
CA GLN B 25 26.50 0.02 -51.63
C GLN B 25 25.20 -0.76 -51.76
N LEU B 26 24.11 -0.05 -52.03
CA LEU B 26 22.78 -0.63 -52.15
C LEU B 26 22.15 -0.07 -53.43
N GLN B 27 22.39 -0.77 -54.54
CA GLN B 27 21.87 -0.33 -55.83
C GLN B 27 20.40 -0.75 -55.94
N GLU B 28 19.54 0.18 -56.36
CA GLU B 28 18.11 -0.06 -56.45
C GLU B 28 17.65 -0.09 -57.91
N SER B 29 16.36 -0.39 -58.08
CA SER B 29 15.77 -0.37 -59.41
C SER B 29 15.66 1.06 -59.92
N GLY B 30 15.52 1.17 -61.24
CA GLY B 30 15.41 2.47 -61.87
C GLY B 30 14.02 3.06 -61.71
N ALA B 31 13.81 4.17 -62.41
CA ALA B 31 12.52 4.85 -62.36
C ALA B 31 11.40 3.91 -62.80
N GLU B 32 10.30 3.94 -62.06
CA GLU B 32 9.15 3.11 -62.33
C GLU B 32 7.94 3.97 -62.67
N LEU B 33 7.22 3.61 -63.73
CA LEU B 33 5.97 4.24 -64.09
C LEU B 33 4.89 3.18 -64.08
N VAL B 34 3.82 3.43 -63.31
CA VAL B 34 2.75 2.46 -63.13
C VAL B 34 1.42 3.19 -63.01
N MET B 35 0.37 2.56 -63.51
CA MET B 35 -0.94 3.20 -63.52
C MET B 35 -1.53 3.21 -62.12
N PRO B 36 -2.43 4.15 -61.83
CA PRO B 36 -3.05 4.18 -60.50
C PRO B 36 -3.75 2.87 -60.20
N GLY B 37 -3.67 2.46 -58.94
CA GLY B 37 -4.28 1.22 -58.50
C GLY B 37 -3.49 -0.02 -58.82
N ALA B 38 -2.40 0.09 -59.58
CA ALA B 38 -1.58 -1.06 -59.91
C ALA B 38 -0.60 -1.32 -58.76
N SER B 39 0.36 -2.20 -59.00
CA SER B 39 1.37 -2.52 -57.99
C SER B 39 2.74 -2.55 -58.64
N VAL B 40 3.74 -2.17 -57.87
CA VAL B 40 5.13 -2.15 -58.33
C VAL B 40 5.98 -2.88 -57.32
N LYS B 41 7.11 -3.42 -57.77
CA LYS B 41 7.98 -4.27 -56.97
C LYS B 41 9.38 -3.67 -56.96
N LEU B 42 9.61 -2.74 -56.05
CA LEU B 42 10.93 -2.14 -55.92
C LEU B 42 11.91 -3.13 -55.30
N SER B 43 13.16 -3.05 -55.74
CA SER B 43 14.20 -3.96 -55.28
C SER B 43 15.40 -3.14 -54.84
N CYS B 44 16.26 -3.77 -54.03
CA CYS B 44 17.43 -3.09 -53.49
C CYS B 44 18.54 -4.15 -53.35
N LYS B 45 19.40 -4.20 -54.36
CA LYS B 45 20.52 -5.16 -54.37
C LYS B 45 21.58 -4.68 -53.37
N ALA B 46 21.82 -5.48 -52.34
CA ALA B 46 22.78 -5.14 -51.31
C ALA B 46 24.08 -5.89 -51.57
N SER B 47 25.17 -5.15 -51.78
CA SER B 47 26.46 -5.73 -52.08
C SER B 47 27.53 -5.04 -51.25
N GLY B 48 28.58 -5.79 -50.93
CA GLY B 48 29.67 -5.29 -50.13
C GLY B 48 29.63 -5.66 -48.66
N TYR B 49 28.66 -6.47 -48.25
CA TYR B 49 28.59 -6.90 -46.85
C TYR B 49 27.70 -8.12 -46.76
N THR B 50 27.79 -8.81 -45.64
CA THR B 50 26.99 -10.00 -45.40
C THR B 50 25.53 -9.58 -45.27
N PHE B 51 24.73 -9.92 -46.29
CA PHE B 51 23.38 -9.38 -46.38
C PHE B 51 22.53 -9.75 -45.17
N THR B 52 22.63 -11.01 -44.73
CA THR B 52 21.76 -11.49 -43.67
C THR B 52 22.11 -10.91 -42.30
N ARG B 53 23.22 -10.18 -42.18
CA ARG B 53 23.67 -9.69 -40.87
C ARG B 53 23.16 -8.29 -40.53
N TYR B 54 22.45 -7.62 -41.44
CA TYR B 54 21.98 -6.26 -41.20
C TYR B 54 20.53 -6.11 -41.64
N TRP B 55 19.74 -5.45 -40.80
CA TRP B 55 18.36 -5.15 -41.17
C TRP B 55 18.35 -4.14 -42.31
N MET B 56 17.20 -4.02 -42.95
CA MET B 56 17.00 -3.07 -44.04
C MET B 56 15.81 -2.18 -43.71
N HIS B 57 15.99 -0.88 -43.88
CA HIS B 57 14.91 0.08 -43.74
C HIS B 57 14.50 0.62 -45.09
N TRP B 58 13.25 1.05 -45.20
CA TRP B 58 12.75 1.68 -46.40
C TRP B 58 12.19 3.04 -46.04
N VAL B 59 12.57 4.05 -46.82
CA VAL B 59 12.22 5.44 -46.55
C VAL B 59 11.59 6.03 -47.79
N LYS B 60 10.53 6.79 -47.60
CA LYS B 60 9.81 7.45 -48.69
C LYS B 60 10.06 8.95 -48.64
N GLN B 61 10.40 9.54 -49.79
CA GLN B 61 10.65 10.96 -49.88
C GLN B 61 9.75 11.56 -50.95
N ARG B 62 8.99 12.58 -50.58
CA ARG B 62 8.24 13.39 -51.54
C ARG B 62 8.71 14.83 -51.44
N PRO B 63 8.94 15.49 -52.57
CA PRO B 63 9.45 16.86 -52.51
C PRO B 63 8.51 17.74 -51.71
N GLY B 64 9.09 18.59 -50.87
CA GLY B 64 8.31 19.51 -50.06
C GLY B 64 7.70 18.87 -48.83
N GLN B 65 7.10 17.69 -48.99
CA GLN B 65 6.42 17.06 -47.87
C GLN B 65 7.40 16.48 -46.85
N GLY B 66 8.64 16.22 -47.23
CA GLY B 66 9.64 15.77 -46.29
C GLY B 66 10.05 14.33 -46.47
N LEU B 67 10.50 13.71 -45.38
CA LEU B 67 11.03 12.35 -45.40
C LEU B 67 10.22 11.48 -44.46
N GLU B 68 9.83 10.30 -44.90
CA GLU B 68 8.87 9.47 -44.19
C GLU B 68 9.37 8.03 -44.11
N TRP B 69 9.20 7.41 -42.96
CA TRP B 69 9.73 6.08 -42.73
C TRP B 69 8.63 5.04 -42.97
N ILE B 70 8.95 4.03 -43.77
CA ILE B 70 7.97 2.99 -44.10
C ILE B 70 8.02 1.83 -43.13
N GLY B 71 9.15 1.14 -43.07
CA GLY B 71 9.28 0.03 -42.15
C GLY B 71 10.64 -0.61 -42.29
N GLU B 72 10.88 -1.59 -41.43
CA GLU B 72 12.15 -2.28 -41.38
C GLU B 72 11.92 -3.77 -41.56
N ILE B 73 12.90 -4.44 -42.14
CA ILE B 73 12.84 -5.87 -42.39
C ILE B 73 14.14 -6.49 -41.94
N ASP B 74 14.06 -7.65 -41.30
CA ASP B 74 15.25 -8.40 -40.92
C ASP B 74 15.44 -9.53 -41.92
N PRO B 75 16.43 -9.47 -42.80
CA PRO B 75 16.53 -10.49 -43.84
C PRO B 75 16.82 -11.87 -43.29
N SER B 76 17.27 -11.95 -42.04
CA SER B 76 17.60 -13.24 -41.45
C SER B 76 16.39 -14.14 -41.39
N ASP B 77 15.23 -13.58 -41.02
CA ASP B 77 14.00 -14.38 -40.99
C ASP B 77 12.80 -13.63 -41.56
N SER B 78 12.99 -12.55 -42.33
CA SER B 78 11.90 -11.84 -42.97
C SER B 78 10.91 -11.27 -41.97
N TYR B 79 11.36 -11.04 -40.74
CA TYR B 79 10.54 -10.29 -39.79
C TYR B 79 10.47 -8.84 -40.22
N THR B 80 9.26 -8.27 -40.20
CA THR B 80 9.06 -6.91 -40.67
C THR B 80 8.24 -6.14 -39.65
N TYR B 81 8.58 -4.85 -39.52
CA TYR B 81 7.82 -3.92 -38.70
C TYR B 81 7.57 -2.68 -39.54
N TYR B 82 6.32 -2.24 -39.58
CA TYR B 82 5.90 -1.19 -40.50
C TYR B 82 5.44 0.04 -39.74
N ASN B 83 5.65 1.20 -40.36
CA ASN B 83 4.98 2.41 -39.92
C ASN B 83 3.48 2.23 -40.14
N GLN B 84 2.68 2.66 -39.17
CA GLN B 84 1.25 2.36 -39.23
C GLN B 84 0.62 2.86 -40.52
N LYS B 85 0.94 4.10 -40.91
CA LYS B 85 0.28 4.67 -42.08
C LYS B 85 0.66 3.95 -43.37
N PHE B 86 1.68 3.09 -43.34
CA PHE B 86 2.08 2.32 -44.50
C PHE B 86 1.75 0.84 -44.39
N LYS B 87 1.19 0.39 -43.28
CA LYS B 87 0.87 -1.02 -43.14
C LYS B 87 -0.22 -1.41 -44.13
N GLY B 88 0.00 -2.52 -44.83
CA GLY B 88 -0.91 -2.93 -45.88
C GLY B 88 -0.63 -2.24 -47.19
N LYS B 89 -0.33 -0.94 -47.11
CA LYS B 89 -0.03 -0.12 -48.32
C LYS B 89 1.24 -0.62 -49.01
N SER B 90 2.12 -1.31 -48.25
CA SER B 90 3.37 -1.81 -48.79
C SER B 90 3.83 -2.99 -47.94
N THR B 91 4.49 -3.94 -48.60
CA THR B 91 4.98 -5.14 -47.93
C THR B 91 6.45 -5.35 -48.28
N LEU B 92 7.26 -5.61 -47.26
CA LEU B 92 8.69 -5.77 -47.43
C LEU B 92 9.05 -7.26 -47.40
N THR B 93 9.96 -7.65 -48.28
CA THR B 93 10.42 -9.02 -48.34
C THR B 93 11.81 -9.04 -48.96
N VAL B 94 12.52 -10.15 -48.74
CA VAL B 94 13.90 -10.28 -49.21
C VAL B 94 14.08 -11.64 -49.88
N ASP B 95 15.12 -11.74 -50.69
CA ASP B 95 15.56 -12.98 -51.30
C ASP B 95 17.00 -13.22 -50.85
N LYS B 96 17.17 -14.03 -49.80
CA LYS B 96 18.48 -14.16 -49.18
C LYS B 96 19.53 -14.65 -50.17
N SER B 97 19.13 -15.48 -51.14
CA SER B 97 20.11 -16.05 -52.06
C SER B 97 20.81 -14.97 -52.88
N SER B 98 20.03 -14.03 -53.41
CA SER B 98 20.57 -12.99 -54.27
C SER B 98 20.91 -11.71 -53.51
N SER B 99 20.78 -11.71 -52.19
CA SER B 99 21.09 -10.54 -51.37
C SER B 99 20.36 -9.30 -51.89
N THR B 100 19.07 -9.46 -52.17
CA THR B 100 18.25 -8.38 -52.70
C THR B 100 17.02 -8.21 -51.83
N ALA B 101 16.75 -6.97 -51.42
CA ALA B 101 15.58 -6.65 -50.61
C ALA B 101 14.53 -5.99 -51.48
N TYR B 102 13.28 -6.45 -51.32
CA TYR B 102 12.19 -6.04 -52.19
C TYR B 102 11.11 -5.33 -51.40
N MET B 103 10.59 -4.25 -51.97
CA MET B 103 9.41 -3.57 -51.47
C MET B 103 8.33 -3.64 -52.54
N GLN B 104 7.15 -4.06 -52.15
CA GLN B 104 6.01 -4.14 -53.07
C GLN B 104 4.98 -3.10 -52.64
N LEU B 105 4.67 -2.18 -53.55
CA LEU B 105 3.61 -1.21 -53.32
C LEU B 105 2.35 -1.66 -54.03
N ASN B 106 1.21 -1.48 -53.38
CA ASN B 106 -0.06 -1.94 -53.90
C ASN B 106 -1.10 -0.83 -53.80
N SER B 107 -2.06 -0.87 -54.72
CA SER B 107 -3.13 0.12 -54.77
C SER B 107 -2.56 1.54 -54.83
N LEU B 108 -1.67 1.77 -55.79
CA LEU B 108 -0.99 3.05 -55.88
C LEU B 108 -1.97 4.17 -56.21
N THR B 109 -1.65 5.36 -55.72
CA THR B 109 -2.43 6.56 -55.98
C THR B 109 -1.48 7.72 -56.21
N SER B 110 -2.04 8.89 -56.49
CA SER B 110 -1.21 10.06 -56.77
C SER B 110 -0.30 10.37 -55.59
N GLU B 111 -0.79 10.17 -54.37
CA GLU B 111 0.03 10.48 -53.19
C GLU B 111 1.21 9.54 -53.05
N ASP B 112 1.26 8.45 -53.81
CA ASP B 112 2.36 7.51 -53.72
C ASP B 112 3.52 7.86 -54.64
N SER B 113 3.41 8.91 -55.46
CA SER B 113 4.53 9.34 -56.27
C SER B 113 5.61 9.90 -55.36
N ALA B 114 6.78 9.28 -55.38
CA ALA B 114 7.81 9.60 -54.40
C ALA B 114 9.13 8.98 -54.83
N VAL B 115 10.16 9.21 -54.01
CA VAL B 115 11.45 8.56 -54.16
C VAL B 115 11.63 7.64 -52.96
N TYR B 116 11.92 6.37 -53.23
CA TYR B 116 12.00 5.36 -52.18
C TYR B 116 13.45 4.94 -51.97
N TYR B 117 13.93 5.04 -50.73
CA TYR B 117 15.30 4.72 -50.37
C TYR B 117 15.32 3.47 -49.52
N CYS B 118 16.09 2.47 -49.96
CA CYS B 118 16.46 1.39 -49.07
C CYS B 118 17.72 1.78 -48.30
N ALA B 119 17.65 1.62 -46.98
CA ALA B 119 18.73 2.06 -46.13
C ALA B 119 19.15 0.94 -45.20
N ARG B 120 20.45 0.66 -45.18
CA ARG B 120 20.96 -0.36 -44.27
C ARG B 120 20.79 0.09 -42.83
N ASN B 121 20.59 -0.86 -41.95
CA ASN B 121 20.44 -0.63 -40.52
C ASN B 121 21.67 -1.15 -39.81
N TYR B 122 22.21 -0.37 -38.87
CA TYR B 122 23.41 -0.81 -38.18
C TYR B 122 23.11 -1.62 -36.93
N GLY B 123 22.05 -1.30 -36.21
CA GLY B 123 21.70 -2.02 -35.00
C GLY B 123 20.61 -3.05 -35.24
N SER B 124 19.80 -3.27 -34.22
CA SER B 124 18.61 -4.12 -34.30
C SER B 124 17.40 -3.27 -34.67
N SER B 125 16.20 -3.79 -34.43
CA SER B 125 14.97 -3.07 -34.76
C SER B 125 15.10 -1.58 -34.51
N TYR B 126 15.70 -1.18 -33.39
CA TYR B 126 15.84 0.24 -33.05
C TYR B 126 17.15 0.84 -33.56
N GLY B 127 17.80 0.20 -34.53
CA GLY B 127 19.01 0.76 -35.10
C GLY B 127 18.73 2.02 -35.87
N TYR B 128 19.72 2.45 -36.64
CA TYR B 128 19.64 3.69 -37.40
C TYR B 128 20.16 3.49 -38.80
N PHE B 129 19.65 4.32 -39.72
CA PHE B 129 20.05 4.22 -41.12
C PHE B 129 21.55 4.48 -41.25
N ASP B 130 22.28 3.45 -41.66
CA ASP B 130 23.73 3.54 -41.77
C ASP B 130 24.19 3.96 -43.15
N VAL B 131 23.65 3.34 -44.20
CA VAL B 131 23.96 3.74 -45.57
C VAL B 131 22.68 3.66 -46.38
N TRP B 132 22.45 4.66 -47.22
CA TRP B 132 21.24 4.78 -48.01
C TRP B 132 21.53 4.39 -49.45
N GLY B 133 20.59 3.67 -50.06
CA GLY B 133 20.74 3.28 -51.44
C GLY B 133 20.43 4.40 -52.39
N THR B 134 20.66 4.13 -53.68
CA THR B 134 20.36 5.09 -54.75
C THR B 134 18.86 5.15 -54.94
N GLY B 135 18.25 6.16 -54.34
CA GLY B 135 16.80 6.30 -54.32
C GLY B 135 16.13 6.03 -55.65
N THR B 136 15.18 5.10 -55.64
CA THR B 136 14.39 4.82 -56.84
C THR B 136 13.11 5.63 -56.81
N THR B 137 12.88 6.41 -57.87
CA THR B 137 11.67 7.22 -57.97
C THR B 137 10.56 6.43 -58.65
N VAL B 138 9.33 6.68 -58.20
CA VAL B 138 8.15 6.07 -58.80
C VAL B 138 7.15 7.18 -59.11
N THR B 139 6.66 7.19 -60.35
CA THR B 139 5.65 8.13 -60.79
C THR B 139 4.41 7.37 -61.24
N VAL B 140 3.25 7.86 -60.81
CA VAL B 140 1.99 7.17 -61.02
C VAL B 140 1.18 7.93 -62.06
N GLY B 141 0.68 7.21 -63.05
CA GLY B 141 -0.06 7.79 -64.16
C GLY B 141 0.08 6.89 -65.37
N ALA B 142 -0.89 7.00 -66.27
CA ALA B 142 -0.91 6.16 -67.47
C ALA B 142 -0.04 6.69 -68.60
N SER B 143 0.19 7.99 -68.65
CA SER B 143 1.00 8.59 -69.72
C SER B 143 2.40 7.98 -69.76
N GLN C 23 -14.20 -12.95 25.14
CA GLN C 23 -13.13 -12.20 25.85
C GLN C 23 -12.26 -11.42 24.87
N VAL C 24 -12.79 -10.31 24.38
CA VAL C 24 -12.07 -9.42 23.47
C VAL C 24 -12.07 -8.03 24.09
N GLN C 25 -10.89 -7.43 24.17
CA GLN C 25 -10.77 -6.09 24.71
C GLN C 25 -9.65 -5.36 24.00
N LEU C 26 -9.88 -4.08 23.75
CA LEU C 26 -8.92 -3.23 23.05
C LEU C 26 -8.37 -2.24 24.07
N GLN C 27 -7.13 -2.45 24.49
CA GLN C 27 -6.52 -1.64 25.54
C GLN C 27 -5.80 -0.45 24.92
N GLN C 28 -6.10 0.74 25.43
CA GLN C 28 -5.58 1.98 24.88
C GLN C 28 -4.66 2.67 25.86
N SER C 29 -3.71 3.44 25.31
CA SER C 29 -2.75 4.16 26.15
C SER C 29 -3.47 5.22 26.96
N GLY C 30 -2.71 5.88 27.84
CA GLY C 30 -3.27 6.88 28.72
C GLY C 30 -3.43 8.23 28.06
N ALA C 31 -3.87 9.20 28.85
CA ALA C 31 -4.11 10.54 28.33
C ALA C 31 -2.81 11.19 27.89
N GLU C 32 -2.93 12.27 27.12
CA GLU C 32 -1.80 12.99 26.58
C GLU C 32 -1.99 14.49 26.76
N LEU C 33 -0.88 15.22 26.84
CA LEU C 33 -0.87 16.68 26.81
C LEU C 33 0.20 17.09 25.81
N MET C 34 -0.21 17.73 24.72
CA MET C 34 0.71 18.11 23.66
C MET C 34 0.58 19.60 23.38
N GLN C 35 1.70 20.22 23.01
CA GLN C 35 1.65 21.60 22.57
C GLN C 35 1.22 21.67 21.12
N PRO C 36 0.59 22.77 20.69
CA PRO C 36 0.17 22.87 19.30
C PRO C 36 1.34 22.69 18.35
N GLY C 37 1.09 22.02 17.23
CA GLY C 37 2.12 21.69 16.28
C GLY C 37 2.92 20.46 16.63
N ALA C 38 2.71 19.86 17.80
CA ALA C 38 3.42 18.66 18.18
C ALA C 38 2.82 17.46 17.46
N SER C 39 3.25 16.27 17.86
CA SER C 39 2.72 15.03 17.31
C SER C 39 2.69 13.98 18.40
N VAL C 40 1.62 13.19 18.41
CA VAL C 40 1.43 12.14 19.41
C VAL C 40 1.07 10.85 18.69
N LYS C 41 1.43 9.73 19.31
CA LYS C 41 1.22 8.41 18.71
C LYS C 41 0.36 7.59 19.66
N LEU C 42 -0.94 7.56 19.38
CA LEU C 42 -1.86 6.76 20.18
C LEU C 42 -1.69 5.28 19.85
N SER C 43 -1.90 4.43 20.85
CA SER C 43 -1.73 3.00 20.70
C SER C 43 -2.97 2.29 21.20
N CYS C 44 -3.23 1.13 20.61
CA CYS C 44 -4.42 0.33 20.92
C CYS C 44 -3.99 -1.14 20.85
N LYS C 45 -3.80 -1.75 22.02
CA LYS C 45 -3.36 -3.13 22.09
C LYS C 45 -4.58 -4.05 22.10
N ALA C 46 -4.61 -5.01 21.19
CA ALA C 46 -5.72 -5.93 21.08
C ALA C 46 -5.38 -7.26 21.73
N THR C 47 -6.36 -7.88 22.36
CA THR C 47 -6.19 -9.18 22.99
C THR C 47 -7.45 -9.99 22.82
N GLY C 48 -7.32 -11.31 22.90
CA GLY C 48 -8.45 -12.20 22.87
C GLY C 48 -8.91 -12.62 21.48
N TYR C 49 -8.23 -12.17 20.43
CA TYR C 49 -8.61 -12.59 19.08
C TYR C 49 -7.39 -12.46 18.18
N THR C 50 -7.46 -13.14 17.03
CA THR C 50 -6.40 -13.09 16.03
C THR C 50 -6.35 -11.66 15.49
N PHE C 51 -5.30 -10.94 15.85
CA PHE C 51 -5.26 -9.50 15.61
C PHE C 51 -5.26 -9.19 14.12
N ALA C 52 -4.62 -10.03 13.32
CA ALA C 52 -4.32 -9.66 11.94
C ALA C 52 -5.55 -9.72 11.05
N GLY C 53 -6.66 -10.27 11.53
CA GLY C 53 -7.79 -10.53 10.66
C GLY C 53 -8.88 -9.47 10.65
N TYR C 54 -8.93 -8.63 11.66
CA TYR C 54 -10.02 -7.68 11.85
C TYR C 54 -9.53 -6.25 11.63
N TRP C 55 -10.39 -5.42 11.05
CA TRP C 55 -10.09 -4.01 10.94
C TRP C 55 -10.03 -3.39 12.33
N ILE C 56 -9.14 -2.42 12.50
CA ILE C 56 -9.10 -1.60 13.70
C ILE C 56 -9.58 -0.21 13.32
N GLU C 57 -10.71 0.20 13.89
CA GLU C 57 -11.28 1.51 13.58
C GLU C 57 -10.74 2.55 14.55
N TRP C 58 -10.71 3.79 14.10
CA TRP C 58 -10.32 4.91 14.94
C TRP C 58 -11.38 6.00 14.85
N VAL C 59 -11.93 6.40 15.99
CA VAL C 59 -13.07 7.31 16.04
C VAL C 59 -12.70 8.49 16.94
N LYS C 60 -13.10 9.69 16.53
CA LYS C 60 -12.82 10.91 17.26
C LYS C 60 -14.11 11.45 17.89
N GLN C 61 -14.05 11.72 19.19
CA GLN C 61 -15.18 12.28 19.91
C GLN C 61 -14.72 13.53 20.65
N ARG C 62 -15.35 14.67 20.34
CA ARG C 62 -15.12 15.88 21.12
C ARG C 62 -16.45 16.48 21.48
N PRO C 63 -16.55 17.21 22.58
CA PRO C 63 -17.85 17.69 23.05
C PRO C 63 -18.53 18.56 22.00
N GLY C 64 -19.84 18.41 21.88
CA GLY C 64 -20.63 19.23 20.99
C GLY C 64 -20.58 18.81 19.54
N HIS C 65 -19.87 17.74 19.20
CA HIS C 65 -19.76 17.28 17.83
C HIS C 65 -20.07 15.80 17.65
N GLY C 66 -20.22 15.04 18.74
CA GLY C 66 -20.50 13.64 18.57
C GLY C 66 -19.30 12.92 17.97
N LEU C 67 -19.53 11.66 17.63
CA LEU C 67 -18.46 10.83 17.08
C LEU C 67 -18.14 11.25 15.66
N GLU C 68 -16.95 10.85 15.21
CA GLU C 68 -16.44 11.26 13.91
C GLU C 68 -15.37 10.27 13.49
N TRP C 69 -15.59 9.59 12.38
CA TRP C 69 -14.76 8.45 12.01
C TRP C 69 -13.49 8.91 11.31
N ILE C 70 -12.35 8.45 11.81
CA ILE C 70 -11.05 8.87 11.28
C ILE C 70 -10.57 7.93 10.18
N GLY C 71 -10.51 6.64 10.48
CA GLY C 71 -10.08 5.67 9.49
C GLY C 71 -9.98 4.31 10.14
N GLU C 72 -9.45 3.36 9.37
CA GLU C 72 -9.26 2.02 9.86
C GLU C 72 -8.04 1.41 9.21
N ILE C 73 -7.47 0.42 9.89
CA ILE C 73 -6.30 -0.30 9.41
C ILE C 73 -6.54 -1.78 9.60
N LEU C 74 -6.25 -2.56 8.56
CA LEU C 74 -6.28 -4.01 8.67
C LEU C 74 -4.88 -4.47 9.05
N PRO C 75 -4.62 -4.79 10.31
CA PRO C 75 -3.23 -4.99 10.72
C PRO C 75 -2.48 -6.05 9.95
N GLY C 76 -3.14 -7.13 9.54
CA GLY C 76 -2.43 -8.20 8.86
C GLY C 76 -1.80 -7.73 7.57
N ILE C 77 -2.55 -7.03 6.74
CA ILE C 77 -2.03 -6.57 5.46
C ILE C 77 -1.46 -5.16 5.56
N GLY C 78 -1.82 -4.42 6.59
CA GLY C 78 -1.46 -3.02 6.64
C GLY C 78 -2.35 -2.15 5.81
N SER C 79 -3.41 -2.70 5.21
CA SER C 79 -4.35 -1.91 4.44
C SER C 79 -4.99 -0.87 5.35
N THR C 80 -4.86 0.39 4.95
CA THR C 80 -5.42 1.50 5.70
C THR C 80 -6.38 2.24 4.80
N ASN C 81 -7.35 2.90 5.40
CA ASN C 81 -8.32 3.66 4.66
C ASN C 81 -8.85 4.79 5.54
N TYR C 82 -8.59 6.01 5.11
CA TYR C 82 -8.73 7.20 5.95
C TYR C 82 -9.97 7.99 5.55
N ASN C 83 -10.58 8.65 6.53
CA ASN C 83 -11.58 9.65 6.23
C ASN C 83 -10.93 10.82 5.53
N GLY C 84 -11.57 11.32 4.48
CA GLY C 84 -11.01 12.44 3.74
C GLY C 84 -10.75 13.65 4.62
N LYS C 85 -11.56 13.82 5.66
CA LYS C 85 -11.35 14.92 6.60
C LYS C 85 -10.05 14.77 7.37
N PHE C 86 -9.50 13.56 7.45
CA PHE C 86 -8.28 13.30 8.20
C PHE C 86 -7.19 12.67 7.36
N LYS C 87 -7.16 12.93 6.05
CA LYS C 87 -6.25 12.20 5.17
C LYS C 87 -4.80 12.42 5.59
N GLY C 88 -4.43 13.67 5.85
CA GLY C 88 -3.05 13.98 6.16
C GLY C 88 -2.74 14.04 7.64
N LYS C 89 -3.77 14.25 8.46
CA LYS C 89 -3.55 14.44 9.89
C LYS C 89 -3.18 13.13 10.58
N ALA C 90 -3.88 12.06 10.27
CA ALA C 90 -3.68 10.79 10.98
C ALA C 90 -2.89 9.82 10.13
N THR C 91 -2.24 8.87 10.81
CA THR C 91 -1.47 7.83 10.13
C THR C 91 -1.53 6.57 10.99
N PHE C 92 -2.05 5.48 10.42
CA PHE C 92 -2.17 4.22 11.13
C PHE C 92 -1.02 3.29 10.80
N THR C 93 -0.49 2.65 11.84
CA THR C 93 0.46 1.57 11.68
C THR C 93 0.09 0.48 12.67
N ALA C 94 0.51 -0.74 12.38
CA ALA C 94 0.22 -1.87 13.25
C ALA C 94 1.47 -2.68 13.45
N ASP C 95 1.75 -3.00 14.71
CA ASP C 95 2.87 -3.84 15.09
C ASP C 95 2.33 -5.24 15.32
N SER C 96 2.43 -6.09 14.30
CA SER C 96 1.82 -7.41 14.37
C SER C 96 2.43 -8.29 15.45
N SER C 97 3.68 -8.08 15.83
CA SER C 97 4.29 -8.91 16.87
C SER C 97 3.70 -8.60 18.24
N SER C 98 3.34 -7.35 18.48
CA SER C 98 2.77 -6.95 19.77
C SER C 98 1.25 -6.95 19.78
N ASN C 99 0.61 -7.25 18.67
CA ASN C 99 -0.85 -7.13 18.55
C ASN C 99 -1.30 -5.73 18.95
N THR C 100 -0.64 -4.72 18.40
CA THR C 100 -0.90 -3.32 18.74
C THR C 100 -1.14 -2.53 17.47
N ALA C 101 -2.11 -1.64 17.52
CA ALA C 101 -2.36 -0.70 16.43
C ALA C 101 -2.06 0.71 16.90
N TYR C 102 -1.38 1.47 16.04
CA TYR C 102 -0.92 2.80 16.38
C TYR C 102 -1.60 3.84 15.50
N MET C 103 -1.80 5.02 16.05
CA MET C 103 -2.31 6.17 15.32
C MET C 103 -1.45 7.37 15.66
N GLU C 104 -0.79 7.93 14.66
CA GLU C 104 0.06 9.10 14.86
C GLU C 104 -0.68 10.35 14.42
N LEU C 105 -1.03 11.19 15.38
CA LEU C 105 -1.60 12.50 15.07
C LEU C 105 -0.47 13.51 14.90
N SER C 106 -0.49 14.22 13.78
CA SER C 106 0.58 15.14 13.42
C SER C 106 0.06 16.56 13.33
N SER C 107 0.93 17.51 13.63
CA SER C 107 0.59 18.94 13.57
C SER C 107 -0.66 19.23 14.38
N LEU C 108 -0.65 18.78 15.64
CA LEU C 108 -1.81 18.95 16.49
C LEU C 108 -2.18 20.42 16.63
N THR C 109 -3.47 20.68 16.67
CA THR C 109 -4.00 22.02 16.94
C THR C 109 -5.01 21.92 18.07
N THR C 110 -5.45 23.07 18.56
CA THR C 110 -6.43 23.07 19.65
C THR C 110 -7.69 22.33 19.25
N GLU C 111 -8.00 22.27 17.96
CA GLU C 111 -9.18 21.54 17.49
C GLU C 111 -9.06 20.04 17.69
N ASP C 112 -7.85 19.50 17.78
CA ASP C 112 -7.67 18.06 17.93
C ASP C 112 -7.88 17.58 19.35
N SER C 113 -8.05 18.48 20.32
CA SER C 113 -8.33 18.06 21.68
C SER C 113 -9.64 17.29 21.70
N ALA C 114 -9.57 15.99 21.97
CA ALA C 114 -10.74 15.12 21.85
C ALA C 114 -10.41 13.80 22.53
N ILE C 115 -11.38 12.89 22.49
CA ILE C 115 -11.20 11.53 22.96
C ILE C 115 -11.18 10.62 21.73
N TYR C 116 -10.14 9.79 21.63
CA TYR C 116 -9.94 8.94 20.47
C TYR C 116 -10.16 7.49 20.86
N TYR C 117 -11.10 6.84 20.19
CA TYR C 117 -11.44 5.45 20.44
C TYR C 117 -10.90 4.56 19.34
N CYS C 118 -10.37 3.40 19.73
CA CYS C 118 -10.08 2.34 18.78
C CYS C 118 -11.12 1.25 18.94
N ALA C 119 -11.68 0.82 17.82
CA ALA C 119 -12.75 -0.17 17.85
C ALA C 119 -12.48 -1.28 16.86
N ARG C 120 -12.80 -2.50 17.26
CA ARG C 120 -12.66 -3.67 16.41
C ARG C 120 -13.80 -3.71 15.40
N SER C 121 -13.49 -4.13 14.18
CA SER C 121 -14.50 -4.21 13.14
C SER C 121 -14.24 -5.42 12.27
N GLY C 122 -15.24 -6.28 12.13
CA GLY C 122 -15.08 -7.51 11.36
C GLY C 122 -16.40 -7.90 10.74
N ALA C 123 -16.35 -8.97 9.95
CA ALA C 123 -17.53 -9.37 9.18
C ALA C 123 -18.61 -9.99 10.05
N GLN C 124 -18.24 -10.62 11.16
CA GLN C 124 -19.23 -11.27 12.01
C GLN C 124 -20.31 -10.29 12.46
N ALA C 125 -19.96 -9.02 12.65
CA ALA C 125 -20.92 -7.97 12.97
C ALA C 125 -21.24 -7.10 11.76
N THR C 126 -21.01 -7.61 10.56
CA THR C 126 -21.28 -6.85 9.34
C THR C 126 -20.55 -5.51 9.35
N PHE C 127 -19.35 -5.52 9.92
CA PHE C 127 -18.41 -4.40 9.90
C PHE C 127 -18.86 -3.22 10.73
N ALA C 128 -19.93 -3.37 11.50
CA ALA C 128 -20.18 -2.44 12.59
C ALA C 128 -19.17 -2.71 13.68
N MET C 129 -18.49 -1.67 14.13
CA MET C 129 -17.40 -1.82 15.08
C MET C 129 -17.98 -2.25 16.42
N ASP C 130 -17.76 -3.52 16.78
CA ASP C 130 -18.49 -4.14 17.88
C ASP C 130 -17.75 -4.09 19.20
N TYR C 131 -16.42 -4.03 19.19
CA TYR C 131 -15.65 -3.93 20.42
C TYR C 131 -14.85 -2.64 20.40
N TRP C 132 -14.91 -1.90 21.50
CA TRP C 132 -14.36 -0.56 21.59
C TRP C 132 -13.28 -0.49 22.66
N GLY C 133 -12.37 0.45 22.49
CA GLY C 133 -11.40 0.74 23.52
C GLY C 133 -11.97 1.69 24.55
N GLN C 134 -11.21 1.86 25.63
CA GLN C 134 -11.64 2.76 26.69
C GLN C 134 -11.65 4.21 26.24
N GLY C 135 -10.79 4.57 25.28
CA GLY C 135 -10.71 5.95 24.83
C GLY C 135 -9.50 6.67 25.38
N THR C 136 -8.68 7.23 24.49
CA THR C 136 -7.52 8.00 24.89
C THR C 136 -7.82 9.48 24.75
N SER C 137 -7.71 10.21 25.86
CA SER C 137 -7.97 11.65 25.83
C SER C 137 -6.68 12.40 25.56
N VAL C 138 -6.65 13.14 24.46
CA VAL C 138 -5.52 13.98 24.11
C VAL C 138 -5.97 15.43 24.15
N THR C 139 -5.22 16.25 24.87
CA THR C 139 -5.49 17.67 24.98
C THR C 139 -4.35 18.44 24.33
N VAL C 140 -4.69 19.31 23.38
CA VAL C 140 -3.72 20.16 22.70
C VAL C 140 -3.90 21.57 23.22
N SER C 141 -2.93 22.06 23.97
CA SER C 141 -3.03 23.38 24.58
C SER C 141 -1.62 23.89 24.87
N GLY C 142 -1.39 25.16 24.53
CA GLY C 142 -0.12 25.78 24.79
C GLY C 142 0.01 26.41 26.15
N ALA C 143 -1.02 26.35 26.97
CA ALA C 143 -0.99 26.99 28.28
C ALA C 143 0.07 26.35 29.16
N SER C 144 0.64 27.15 30.06
CA SER C 144 1.66 26.67 30.98
C SER C 144 1.02 26.16 32.25
N THR C 145 1.54 25.05 32.76
CA THR C 145 1.00 24.44 33.97
C THR C 145 1.03 25.46 35.10
N LYS C 146 -0.10 25.57 35.81
CA LYS C 146 -0.17 26.45 36.96
C LYS C 146 -1.29 25.98 37.89
N GLY C 147 -1.18 26.37 39.16
CA GLY C 147 -2.10 25.93 40.17
C GLY C 147 -3.38 26.74 40.18
N PRO C 148 -4.43 26.20 40.79
CA PRO C 148 -5.69 26.91 40.84
C PRO C 148 -5.63 28.10 41.79
N SER C 149 -6.39 29.14 41.45
CA SER C 149 -6.68 30.21 42.38
C SER C 149 -8.09 30.06 42.91
N VAL C 150 -8.23 30.00 44.23
CA VAL C 150 -9.49 29.67 44.88
C VAL C 150 -10.06 30.96 45.46
N PHE C 151 -11.36 31.17 45.25
CA PHE C 151 -12.04 32.33 45.79
C PHE C 151 -13.35 31.90 46.43
N PRO C 152 -13.76 32.55 47.52
CA PRO C 152 -14.98 32.11 48.22
C PRO C 152 -16.23 32.71 47.60
N LEU C 153 -17.30 31.91 47.59
CA LEU C 153 -18.63 32.39 47.21
C LEU C 153 -19.45 32.51 48.50
N ALA C 154 -19.28 33.65 49.15
CA ALA C 154 -19.88 33.84 50.47
C ALA C 154 -21.40 33.90 50.35
N PRO C 155 -22.14 33.12 51.15
CA PRO C 155 -23.62 33.19 51.06
C PRO C 155 -24.17 34.50 51.61
N SER C 156 -25.48 34.64 51.63
CA SER C 156 -26.14 35.85 52.10
C SER C 156 -25.70 37.06 51.29
N SER C 157 -25.80 36.96 49.97
CA SER C 157 -25.32 38.02 49.09
C SER C 157 -26.04 39.34 49.35
N LYS C 158 -27.37 39.33 49.36
CA LYS C 158 -28.15 40.52 49.63
C LYS C 158 -29.09 40.27 50.81
N SER C 159 -29.67 39.08 50.87
CA SER C 159 -30.52 38.72 51.99
C SER C 159 -29.69 38.09 53.10
N THR C 160 -30.18 38.23 54.33
CA THR C 160 -29.49 37.65 55.47
C THR C 160 -29.54 36.13 55.42
N SER C 161 -30.75 35.57 55.47
CA SER C 161 -30.92 34.13 55.51
C SER C 161 -32.33 33.79 55.06
N GLY C 162 -32.52 32.52 54.68
CA GLY C 162 -33.82 32.02 54.31
C GLY C 162 -33.75 30.64 53.72
N GLY C 163 -34.65 29.75 54.14
CA GLY C 163 -34.67 28.40 53.60
C GLY C 163 -33.30 27.74 53.73
N THR C 164 -32.88 27.11 52.65
CA THR C 164 -31.56 26.50 52.61
C THR C 164 -30.57 27.43 51.95
N ALA C 165 -29.41 27.62 52.57
CA ALA C 165 -28.39 28.53 52.07
C ALA C 165 -27.40 27.78 51.17
N ALA C 166 -26.94 28.46 50.13
CA ALA C 166 -26.00 27.92 49.17
C ALA C 166 -24.70 28.69 49.23
N LEU C 167 -23.58 27.97 49.25
CA LEU C 167 -22.26 28.59 49.28
C LEU C 167 -21.29 27.68 48.55
N GLY C 168 -20.24 28.27 48.01
CA GLY C 168 -19.31 27.50 47.22
C GLY C 168 -17.98 28.22 47.09
N CYS C 169 -17.06 27.57 46.38
CA CYS C 169 -15.72 28.10 46.15
C CYS C 169 -15.42 28.06 44.67
N LEU C 170 -15.00 29.20 44.13
CA LEU C 170 -14.72 29.32 42.71
C LEU C 170 -13.24 29.01 42.46
N VAL C 171 -12.98 27.87 41.84
CA VAL C 171 -11.63 27.49 41.42
C VAL C 171 -11.44 28.00 40.01
N LYS C 172 -10.49 28.92 39.83
CA LYS C 172 -10.37 29.67 38.59
C LYS C 172 -8.93 29.66 38.11
N ASP C 173 -8.77 29.55 36.79
CA ASP C 173 -7.47 29.67 36.13
C ASP C 173 -6.48 28.61 36.61
N TYR C 174 -6.80 27.35 36.38
CA TYR C 174 -5.84 26.27 36.58
C TYR C 174 -5.64 25.52 35.27
N PHE C 175 -4.52 24.79 35.21
CA PHE C 175 -4.24 23.96 34.05
C PHE C 175 -3.12 23.00 34.43
N PRO C 176 -3.15 21.76 33.92
CA PRO C 176 -4.21 21.12 33.13
C PRO C 176 -5.27 20.50 34.02
N GLU C 177 -6.27 19.87 33.41
CA GLU C 177 -7.24 19.11 34.17
C GLU C 177 -6.58 17.86 34.75
N PRO C 178 -7.17 17.25 35.78
CA PRO C 178 -8.36 17.65 36.53
C PRO C 178 -8.02 18.16 37.92
N VAL C 179 -8.87 19.03 38.48
CA VAL C 179 -8.80 19.33 39.90
C VAL C 179 -9.83 18.47 40.64
N THR C 180 -9.58 18.24 41.92
CA THR C 180 -10.51 17.55 42.78
C THR C 180 -10.88 18.44 43.94
N VAL C 181 -12.16 18.54 44.22
CA VAL C 181 -12.68 19.42 45.25
C VAL C 181 -13.48 18.60 46.25
N SER C 182 -13.25 18.85 47.53
CA SER C 182 -14.03 18.25 48.60
C SER C 182 -14.27 19.29 49.66
N TRP C 183 -15.31 19.07 50.46
CA TRP C 183 -15.70 20.01 51.51
C TRP C 183 -15.54 19.34 52.86
N ASN C 184 -14.80 19.99 53.76
CA ASN C 184 -14.53 19.45 55.08
C ASN C 184 -13.92 18.06 54.98
N SER C 185 -13.04 17.89 53.99
CA SER C 185 -12.31 16.65 53.79
C SER C 185 -13.24 15.44 53.70
N GLY C 186 -14.33 15.58 52.96
CA GLY C 186 -15.28 14.50 52.75
C GLY C 186 -16.41 14.46 53.75
N ALA C 187 -16.37 15.29 54.80
CA ALA C 187 -17.43 15.29 55.78
C ALA C 187 -18.73 15.88 55.24
N LEU C 188 -18.68 16.54 54.08
CA LEU C 188 -19.85 17.22 53.55
C LEU C 188 -20.10 16.83 52.10
N THR C 189 -20.10 15.52 51.82
CA THR C 189 -20.34 15.05 50.46
C THR C 189 -21.81 15.13 50.05
N SER C 190 -22.72 15.30 51.01
CA SER C 190 -24.14 15.36 50.70
C SER C 190 -24.56 16.77 50.31
N GLY C 191 -25.27 16.88 49.20
CA GLY C 191 -25.79 18.16 48.77
C GLY C 191 -24.78 19.10 48.16
N VAL C 192 -23.68 18.58 47.62
CA VAL C 192 -22.63 19.39 47.00
C VAL C 192 -22.53 19.01 45.53
N HIS C 193 -22.53 20.03 44.68
CA HIS C 193 -22.42 19.85 43.23
C HIS C 193 -21.13 20.48 42.75
N THR C 194 -20.31 19.70 42.04
CA THR C 194 -19.06 20.18 41.46
C THR C 194 -19.22 20.23 39.95
N PHE C 195 -19.35 21.43 39.41
CA PHE C 195 -19.68 21.58 38.00
C PHE C 195 -18.46 21.29 37.13
N PRO C 196 -18.67 20.81 35.90
CA PRO C 196 -17.53 20.54 35.03
C PRO C 196 -16.74 21.81 34.76
N ALA C 197 -15.43 21.66 34.61
CA ALA C 197 -14.57 22.78 34.29
C ALA C 197 -14.79 23.23 32.86
N VAL C 198 -14.62 24.53 32.63
CA VAL C 198 -14.86 25.14 31.33
C VAL C 198 -13.60 25.86 30.89
N LEU C 199 -13.20 25.66 29.63
CA LEU C 199 -12.07 26.39 29.08
C LEU C 199 -12.42 27.85 28.91
N GLN C 200 -11.55 28.72 29.39
CA GLN C 200 -11.69 30.15 29.14
C GLN C 200 -10.88 30.55 27.91
N SER C 201 -11.12 31.77 27.43
CA SER C 201 -10.39 32.25 26.27
C SER C 201 -8.90 32.35 26.55
N SER C 202 -8.50 32.53 27.80
CA SER C 202 -7.09 32.62 28.14
C SER C 202 -6.37 31.28 28.01
N GLY C 203 -7.11 30.18 27.93
CA GLY C 203 -6.51 28.85 27.86
C GLY C 203 -6.41 28.13 29.18
N LEU C 204 -7.00 28.66 30.24
CA LEU C 204 -6.97 28.03 31.56
C LEU C 204 -8.38 27.61 31.96
N TYR C 205 -8.48 26.45 32.61
CA TYR C 205 -9.76 25.94 33.05
C TYR C 205 -10.24 26.68 34.28
N SER C 206 -11.57 26.75 34.43
CA SER C 206 -12.19 27.32 35.62
C SER C 206 -13.32 26.40 36.05
N LEU C 207 -13.59 26.39 37.35
CA LEU C 207 -14.52 25.42 37.91
C LEU C 207 -15.16 26.01 39.15
N SER C 208 -16.35 25.52 39.48
CA SER C 208 -17.09 25.95 40.65
C SER C 208 -17.60 24.73 41.41
N SER C 209 -17.59 24.83 42.74
CA SER C 209 -18.16 23.83 43.61
C SER C 209 -19.07 24.53 44.61
N VAL C 210 -20.31 24.07 44.71
CA VAL C 210 -21.30 24.71 45.57
C VAL C 210 -22.02 23.64 46.36
N VAL C 211 -22.35 23.96 47.61
CA VAL C 211 -23.06 23.07 48.51
C VAL C 211 -24.24 23.82 49.10
N THR C 212 -25.31 23.08 49.38
CA THR C 212 -26.50 23.63 50.02
C THR C 212 -26.51 23.21 51.48
N VAL C 213 -26.68 24.18 52.37
CA VAL C 213 -26.68 23.92 53.81
C VAL C 213 -27.82 24.69 54.46
N PRO C 214 -28.29 24.22 55.61
CA PRO C 214 -29.30 25.00 56.35
C PRO C 214 -28.77 26.37 56.71
N SER C 215 -29.65 27.37 56.64
CA SER C 215 -29.23 28.74 56.92
C SER C 215 -28.66 28.88 58.32
N SER C 216 -29.20 28.11 59.28
CA SER C 216 -28.69 28.18 60.64
C SER C 216 -27.25 27.69 60.74
N SER C 217 -26.86 26.75 59.88
CA SER C 217 -25.52 26.20 59.95
C SER C 217 -24.44 27.21 59.58
N LEU C 218 -24.81 28.34 58.96
CA LEU C 218 -23.82 29.32 58.55
C LEU C 218 -23.05 29.89 59.74
N GLY C 219 -23.73 30.20 60.83
CA GLY C 219 -23.08 30.82 61.96
C GLY C 219 -22.27 29.84 62.80
N THR C 220 -22.92 28.76 63.24
CA THR C 220 -22.27 27.80 64.12
C THR C 220 -21.17 27.01 63.44
N GLN C 221 -21.10 27.03 62.10
CA GLN C 221 -20.13 26.25 61.36
C GLN C 221 -19.54 27.09 60.24
N THR C 222 -18.25 26.90 60.00
CA THR C 222 -17.55 27.47 58.87
C THR C 222 -17.04 26.33 57.99
N TYR C 223 -17.28 26.45 56.68
CA TYR C 223 -17.02 25.37 55.74
C TYR C 223 -15.70 25.62 55.02
N ILE C 224 -14.98 24.54 54.77
CA ILE C 224 -13.64 24.60 54.17
C ILE C 224 -13.72 23.95 52.79
N CYS C 225 -13.29 24.68 51.77
CA CYS C 225 -13.23 24.16 50.41
C CYS C 225 -11.84 23.57 50.19
N ASN C 226 -11.76 22.25 50.08
CA ASN C 226 -10.51 21.55 49.85
C ASN C 226 -10.30 21.41 48.34
N VAL C 227 -9.16 21.89 47.86
CA VAL C 227 -8.83 21.83 46.43
C VAL C 227 -7.45 21.24 46.28
N ASN C 228 -7.33 20.25 45.42
CA ASN C 228 -6.06 19.58 45.16
C ASN C 228 -5.84 19.47 43.66
N HIS C 229 -4.69 19.95 43.18
CA HIS C 229 -4.35 19.94 41.76
C HIS C 229 -3.03 19.18 41.64
N LYS C 230 -3.13 17.86 41.49
CA LYS C 230 -1.93 17.03 41.45
C LYS C 230 -0.93 17.45 40.38
N PRO C 231 -1.33 17.78 39.15
CA PRO C 231 -0.32 18.17 38.15
C PRO C 231 0.57 19.30 38.61
N SER C 232 0.01 20.27 39.35
CA SER C 232 0.81 21.34 39.93
C SER C 232 1.25 21.04 41.35
N ASN C 233 0.87 19.88 41.90
CA ASN C 233 1.22 19.53 43.28
C ASN C 233 0.77 20.62 44.23
N THR C 234 -0.41 21.19 43.98
CA THR C 234 -0.95 22.28 44.76
C THR C 234 -2.15 21.79 45.56
N LYS C 235 -2.14 22.09 46.86
CA LYS C 235 -3.24 21.76 47.76
C LYS C 235 -3.64 23.02 48.50
N VAL C 236 -4.93 23.37 48.41
CA VAL C 236 -5.43 24.62 48.97
C VAL C 236 -6.70 24.33 49.74
N ASP C 237 -6.79 24.89 50.95
CA ASP C 237 -8.00 24.86 51.76
C ASP C 237 -8.41 26.30 52.04
N LYS C 238 -9.67 26.62 51.75
CA LYS C 238 -10.16 27.99 51.83
C LYS C 238 -11.37 28.03 52.76
N ARG C 239 -11.37 29.01 53.67
CA ARG C 239 -12.49 29.20 54.63
C ARG C 239 -13.52 30.17 54.01
N VAL C 240 -14.78 29.76 53.95
CA VAL C 240 -15.85 30.57 53.38
C VAL C 240 -16.81 30.96 54.50
N GLU C 241 -17.07 32.25 54.62
CA GLU C 241 -17.95 32.77 55.66
C GLU C 241 -18.94 33.72 55.01
N PRO C 242 -20.12 33.89 55.59
CA PRO C 242 -21.13 34.76 54.96
C PRO C 242 -20.63 36.19 54.83
N LYS C 243 -20.97 36.83 53.71
CA LYS C 243 -20.58 38.19 53.44
C LYS C 243 -19.06 38.35 53.46
N GLN D 1 -3.31 -23.06 17.67
CA GLN D 1 -2.96 -23.18 16.22
C GLN D 1 -2.87 -24.65 15.82
N VAL D 2 -2.38 -24.88 14.60
CA VAL D 2 -2.23 -26.25 14.12
C VAL D 2 -1.10 -26.93 14.85
N GLN D 3 -1.34 -28.15 15.31
CA GLN D 3 -0.34 -28.97 15.98
C GLN D 3 -0.27 -30.33 15.32
N LEU D 4 0.95 -30.83 15.16
CA LEU D 4 1.19 -32.13 14.58
C LEU D 4 1.75 -33.05 15.65
N GLN D 5 1.33 -34.31 15.61
CA GLN D 5 1.67 -35.29 16.63
C GLN D 5 1.78 -36.64 15.97
N GLU D 6 2.99 -37.16 15.86
CA GLU D 6 3.20 -38.45 15.23
C GLU D 6 3.27 -39.55 16.28
N SER D 7 2.87 -40.75 15.86
CA SER D 7 2.85 -41.90 16.76
C SER D 7 3.11 -43.15 15.93
N GLY D 8 3.55 -44.19 16.61
CA GLY D 8 3.85 -45.45 15.96
C GLY D 8 4.88 -46.22 16.74
N PRO D 9 5.16 -47.45 16.31
CA PRO D 9 6.10 -48.30 17.06
C PRO D 9 7.49 -47.70 17.04
N GLY D 10 8.10 -47.60 18.21
CA GLY D 10 9.46 -47.09 18.31
C GLY D 10 10.53 -48.10 18.00
N LEU D 11 10.16 -49.37 17.83
CA LEU D 11 11.13 -50.42 17.52
C LEU D 11 10.60 -51.21 16.34
N VAL D 12 11.48 -51.47 15.37
CA VAL D 12 11.13 -52.20 14.16
C VAL D 12 12.26 -53.18 13.86
N LYS D 13 11.90 -54.38 13.44
CA LYS D 13 12.93 -55.35 13.09
C LYS D 13 13.45 -55.08 11.67
N PRO D 14 14.70 -55.41 11.40
CA PRO D 14 15.24 -55.17 10.04
C PRO D 14 14.47 -55.97 9.00
N SER D 15 14.41 -55.41 7.80
CA SER D 15 13.77 -56.05 6.65
C SER D 15 12.25 -55.97 6.75
N GLU D 16 11.74 -55.40 7.82
CA GLU D 16 10.31 -55.23 7.99
C GLU D 16 9.87 -53.92 7.32
N THR D 17 8.63 -53.52 7.58
CA THR D 17 8.11 -52.24 7.10
C THR D 17 7.87 -51.33 8.29
N LEU D 18 8.39 -50.11 8.19
CA LEU D 18 8.22 -49.13 9.26
C LEU D 18 6.97 -48.30 9.02
N SER D 19 6.17 -48.12 10.05
CA SER D 19 4.92 -47.39 9.95
C SER D 19 4.86 -46.31 11.00
N LEU D 20 4.51 -45.10 10.58
CA LEU D 20 4.28 -43.98 11.48
C LEU D 20 3.07 -43.22 11.00
N THR D 21 2.31 -42.64 11.93
CA THR D 21 1.13 -41.85 11.61
C THR D 21 1.20 -40.52 12.33
N CYS D 22 0.97 -39.45 11.59
CA CYS D 22 0.93 -38.10 12.15
C CYS D 22 -0.51 -37.61 12.11
N THR D 23 -1.04 -37.26 13.29
CA THR D 23 -2.40 -36.77 13.41
C THR D 23 -2.36 -35.26 13.60
N VAL D 24 -3.14 -34.56 12.78
CA VAL D 24 -3.12 -33.10 12.73
C VAL D 24 -4.28 -32.58 13.59
N SER D 25 -3.97 -31.67 14.49
CA SER D 25 -4.96 -31.04 15.36
C SER D 25 -5.07 -29.56 15.01
N GLY D 26 -6.30 -29.07 14.94
CA GLY D 26 -6.55 -27.68 14.63
C GLY D 26 -6.47 -27.33 13.17
N GLY D 27 -6.30 -28.31 12.29
CA GLY D 27 -6.23 -28.06 10.87
C GLY D 27 -6.78 -29.24 10.11
N SER D 28 -6.87 -29.07 8.79
CA SER D 28 -7.41 -30.10 7.91
C SER D 28 -6.33 -30.59 6.96
N VAL D 29 -6.13 -31.91 6.93
CA VAL D 29 -5.17 -32.49 6.01
C VAL D 29 -5.60 -32.24 4.56
N SER D 30 -6.85 -31.85 4.35
CA SER D 30 -7.38 -31.69 3.00
C SER D 30 -7.07 -30.33 2.38
N SER D 31 -6.23 -29.51 3.00
CA SER D 31 -5.87 -28.24 2.40
C SER D 31 -5.09 -28.46 1.11
N ASN D 32 -5.18 -27.50 0.20
CA ASN D 32 -4.57 -27.62 -1.11
C ASN D 32 -3.36 -26.71 -1.31
N ILE D 33 -2.87 -26.05 -0.27
CA ILE D 33 -1.64 -25.29 -0.41
C ILE D 33 -0.52 -25.93 0.40
N TYR D 34 -0.85 -26.69 1.43
CA TYR D 34 0.14 -27.36 2.26
C TYR D 34 0.35 -28.80 1.81
N TYR D 35 1.60 -29.22 1.74
CA TYR D 35 1.91 -30.63 1.71
C TYR D 35 2.32 -31.09 3.10
N TRP D 36 2.19 -32.40 3.31
CA TRP D 36 2.51 -33.03 4.58
C TRP D 36 3.69 -33.97 4.35
N SER D 37 4.75 -33.79 5.14
CA SER D 37 6.03 -34.40 4.83
C SER D 37 6.59 -35.07 6.06
N TRP D 38 7.56 -35.95 5.83
CA TRP D 38 8.29 -36.61 6.90
C TRP D 38 9.77 -36.33 6.73
N ILE D 39 10.40 -35.85 7.81
CA ILE D 39 11.82 -35.55 7.82
C ILE D 39 12.47 -36.43 8.88
N ARG D 40 13.65 -36.95 8.55
CA ARG D 40 14.38 -37.86 9.41
C ARG D 40 15.63 -37.18 9.92
N GLN D 41 15.91 -37.30 11.21
CA GLN D 41 17.11 -36.73 11.80
C GLN D 41 17.89 -37.81 12.52
N THR D 42 19.15 -37.99 12.14
CA THR D 42 20.06 -38.84 12.85
C THR D 42 21.31 -38.04 13.15
N PRO D 43 21.98 -38.28 14.27
CA PRO D 43 23.14 -37.44 14.62
C PRO D 43 24.24 -37.45 13.59
N GLY D 44 24.48 -38.58 12.92
CA GLY D 44 25.60 -38.68 12.02
C GLY D 44 25.37 -38.09 10.64
N LYS D 45 24.12 -37.75 10.29
CA LYS D 45 23.81 -37.28 8.96
C LYS D 45 22.90 -36.05 8.93
N GLY D 46 22.50 -35.52 10.07
CA GLY D 46 21.66 -34.34 10.05
C GLY D 46 20.26 -34.67 9.55
N LEU D 47 19.51 -33.62 9.25
CA LEU D 47 18.14 -33.78 8.80
C LEU D 47 18.13 -34.30 7.36
N GLU D 48 17.26 -35.28 7.11
CA GLU D 48 17.07 -35.86 5.78
C GLU D 48 15.59 -35.81 5.47
N TRP D 49 15.26 -35.34 4.28
CA TRP D 49 13.86 -35.25 3.88
C TRP D 49 13.45 -36.51 3.13
N LEU D 50 12.39 -37.16 3.59
CA LEU D 50 11.96 -38.42 3.02
C LEU D 50 11.03 -38.22 1.83
N GLY D 51 9.94 -37.49 2.03
CA GLY D 51 9.00 -37.24 0.95
C GLY D 51 7.85 -36.42 1.50
N TYR D 52 6.97 -36.01 0.60
CA TYR D 52 5.80 -35.27 1.03
C TYR D 52 4.59 -35.69 0.22
N PHE D 53 3.42 -35.39 0.78
CA PHE D 53 2.13 -35.81 0.28
C PHE D 53 1.21 -34.62 0.19
N TYR D 54 0.47 -34.54 -0.91
CA TYR D 54 -0.54 -33.51 -1.11
C TYR D 54 -1.93 -34.11 -0.93
N HIS D 55 -2.89 -33.27 -0.55
CA HIS D 55 -4.26 -33.73 -0.41
C HIS D 55 -4.82 -34.22 -1.74
N SER D 56 -4.44 -33.56 -2.84
CA SER D 56 -4.94 -33.96 -4.15
C SER D 56 -4.42 -35.31 -4.60
N GLY D 57 -3.44 -35.88 -3.89
CA GLY D 57 -2.87 -37.16 -4.25
C GLY D 57 -1.48 -37.10 -4.84
N SER D 58 -1.05 -35.92 -5.29
CA SER D 58 0.33 -35.78 -5.76
C SER D 58 1.29 -36.02 -4.60
N SER D 59 2.45 -36.59 -4.92
CA SER D 59 3.44 -36.90 -3.90
C SER D 59 4.82 -36.72 -4.50
N ASN D 60 5.81 -36.60 -3.63
CA ASN D 60 7.20 -36.46 -4.05
C ASN D 60 8.09 -37.06 -2.98
N TYR D 61 9.02 -37.92 -3.42
CA TYR D 61 9.96 -38.57 -2.53
C TYR D 61 11.37 -38.35 -3.05
N ASN D 62 12.32 -38.25 -2.13
CA ASN D 62 13.68 -38.03 -2.64
C ASN D 62 14.23 -39.32 -3.24
N PRO D 63 15.04 -39.20 -4.30
CA PRO D 63 15.62 -40.42 -4.91
C PRO D 63 16.56 -41.16 -4.00
N SER D 64 17.06 -40.54 -2.93
CA SER D 64 18.01 -41.21 -2.06
C SER D 64 17.47 -42.53 -1.54
N LEU D 65 16.14 -42.62 -1.41
CA LEU D 65 15.47 -43.85 -0.98
C LEU D 65 14.86 -44.49 -2.21
N LYS D 66 15.22 -45.75 -2.47
CA LYS D 66 14.84 -46.42 -3.71
C LYS D 66 13.36 -46.83 -3.62
N SER D 67 12.50 -45.82 -3.64
CA SER D 67 11.06 -45.99 -3.61
C SER D 67 10.59 -46.77 -2.39
N ARG D 68 11.37 -46.78 -1.30
CA ARG D 68 10.95 -47.48 -0.10
C ARG D 68 9.88 -46.71 0.65
N VAL D 69 9.79 -45.41 0.44
CA VAL D 69 8.88 -44.56 1.20
C VAL D 69 7.53 -44.48 0.50
N THR D 70 6.48 -44.31 1.29
CA THR D 70 5.13 -44.12 0.78
C THR D 70 4.34 -43.33 1.81
N ILE D 71 3.80 -42.20 1.38
CA ILE D 71 3.06 -41.30 2.27
C ILE D 71 1.64 -41.19 1.74
N SER D 72 0.66 -41.46 2.59
CA SER D 72 -0.73 -41.44 2.19
C SER D 72 -1.55 -40.81 3.30
N GLY D 73 -2.67 -40.19 2.91
CA GLY D 73 -3.52 -39.51 3.86
C GLY D 73 -4.78 -40.28 4.19
N ASP D 74 -5.27 -40.07 5.41
CA ASP D 74 -6.53 -40.62 5.87
C ASP D 74 -7.39 -39.44 6.31
N MET D 75 -8.11 -38.86 5.35
CA MET D 75 -8.71 -37.56 5.55
C MET D 75 -9.94 -37.63 6.45
N SER D 76 -10.49 -38.84 6.64
CA SER D 76 -11.59 -39.01 7.57
C SER D 76 -11.14 -38.93 9.02
N LYS D 77 -9.83 -38.98 9.28
CA LYS D 77 -9.31 -38.95 10.63
C LYS D 77 -8.26 -37.86 10.84
N ASN D 78 -7.97 -37.05 9.83
CA ASN D 78 -6.92 -36.04 9.90
C ASN D 78 -5.58 -36.68 10.22
N GLN D 79 -5.17 -37.61 9.37
CA GLN D 79 -3.92 -38.32 9.55
C GLN D 79 -3.26 -38.55 8.20
N PHE D 80 -1.93 -38.57 8.23
CA PHE D 80 -1.14 -39.06 7.11
C PHE D 80 -0.04 -39.95 7.68
N SER D 81 0.29 -41.00 6.93
CA SER D 81 1.14 -42.06 7.43
C SER D 81 2.37 -42.19 6.57
N LEU D 82 3.44 -42.70 7.17
CA LEU D 82 4.67 -43.03 6.47
C LEU D 82 4.87 -44.53 6.48
N LYS D 83 5.08 -45.11 5.31
CA LYS D 83 5.43 -46.51 5.17
C LYS D 83 6.79 -46.62 4.50
N LEU D 84 7.78 -47.09 5.24
CA LEU D 84 9.17 -47.17 4.76
C LEU D 84 9.51 -48.64 4.65
N LYS D 85 9.42 -49.18 3.44
CA LYS D 85 9.58 -50.61 3.22
C LYS D 85 11.02 -51.05 3.44
N SER D 86 11.16 -52.34 3.78
CA SER D 86 12.46 -52.98 3.90
C SER D 86 13.43 -52.13 4.69
N VAL D 87 13.04 -51.84 5.94
CA VAL D 87 13.86 -51.01 6.80
C VAL D 87 15.16 -51.74 7.11
N THR D 88 16.19 -50.98 7.49
CA THR D 88 17.49 -51.52 7.80
C THR D 88 18.06 -50.80 9.02
N ALA D 89 19.24 -51.25 9.46
CA ALA D 89 19.86 -50.64 10.63
C ALA D 89 20.13 -49.16 10.41
N ALA D 90 20.39 -48.76 9.16
CA ALA D 90 20.68 -47.36 8.86
C ALA D 90 19.46 -46.46 8.97
N ASP D 91 18.27 -47.02 9.15
CA ASP D 91 17.04 -46.26 9.19
C ASP D 91 16.65 -45.82 10.60
N THR D 92 17.47 -46.11 11.60
CA THR D 92 17.17 -45.66 12.95
C THR D 92 17.45 -44.16 13.08
N ALA D 93 16.44 -43.41 13.50
CA ALA D 93 16.55 -41.96 13.57
C ALA D 93 15.26 -41.40 14.15
N ILE D 94 15.31 -40.12 14.52
CA ILE D 94 14.10 -39.41 14.91
C ILE D 94 13.33 -39.01 13.66
N TYR D 95 12.04 -39.30 13.65
CA TYR D 95 11.18 -39.01 12.51
C TYR D 95 10.23 -37.89 12.87
N TYR D 96 10.29 -36.80 12.12
CA TYR D 96 9.42 -35.65 12.30
C TYR D 96 8.38 -35.62 11.19
N CYS D 97 7.12 -35.47 11.56
CA CYS D 97 6.10 -35.15 10.57
C CYS D 97 5.92 -33.65 10.52
N ALA D 98 6.00 -33.09 9.31
CA ALA D 98 6.05 -31.64 9.16
C ALA D 98 5.10 -31.20 8.06
N ARG D 99 4.40 -30.10 8.33
CA ARG D 99 3.63 -29.42 7.30
C ARG D 99 4.54 -28.49 6.51
N GLY D 100 4.19 -28.25 5.27
CA GLY D 100 5.01 -27.43 4.42
C GLY D 100 4.23 -26.85 3.28
N GLY D 101 4.94 -26.49 2.23
CA GLY D 101 4.32 -25.98 1.03
C GLY D 101 5.36 -25.68 -0.02
N VAL D 102 4.89 -25.48 -1.24
CA VAL D 102 5.75 -25.18 -2.38
C VAL D 102 5.31 -23.85 -2.96
N GLU D 103 6.28 -22.96 -3.16
CA GLU D 103 5.96 -21.60 -3.68
C GLU D 103 6.92 -21.23 -4.81
N ASN D 104 6.45 -20.39 -5.73
CA ASN D 104 7.21 -19.91 -6.87
C ASN D 104 7.26 -18.39 -6.89
N LEU D 105 7.58 -17.78 -5.75
CA LEU D 105 7.58 -16.34 -5.67
C LEU D 105 8.60 -15.74 -6.63
N MET D 106 8.41 -14.46 -6.95
CA MET D 106 9.28 -13.73 -7.85
C MET D 106 10.26 -12.88 -7.07
N LEU D 107 10.78 -13.42 -5.96
CA LEU D 107 11.62 -12.64 -5.07
C LEU D 107 12.89 -12.15 -5.75
N VAL D 108 13.44 -12.93 -6.68
CA VAL D 108 14.71 -12.60 -7.34
C VAL D 108 14.57 -12.87 -8.82
N ALA D 109 15.52 -12.33 -9.60
CA ALA D 109 15.46 -12.48 -11.05
C ALA D 109 15.35 -13.95 -11.45
N VAL D 110 16.19 -14.81 -10.89
CA VAL D 110 16.16 -16.23 -11.21
C VAL D 110 15.07 -16.86 -10.36
N ILE D 111 13.98 -17.28 -11.00
CA ILE D 111 12.87 -17.89 -10.28
C ILE D 111 13.25 -19.31 -9.86
N GLN D 112 12.97 -19.64 -8.61
CA GLN D 112 13.32 -20.93 -8.05
C GLN D 112 12.15 -21.44 -7.23
N GLU D 113 11.99 -22.75 -7.17
CA GLU D 113 10.90 -23.34 -6.41
C GLU D 113 11.32 -23.46 -4.94
N MET D 114 10.53 -22.87 -4.05
CA MET D 114 10.85 -22.84 -2.64
C MET D 114 10.00 -23.86 -1.90
N TRP D 115 10.64 -24.67 -1.07
CA TRP D 115 9.92 -25.52 -0.12
C TRP D 115 10.20 -25.02 1.28
N TYR D 116 9.21 -25.20 2.16
CA TYR D 116 9.38 -24.86 3.56
C TYR D 116 8.72 -25.94 4.40
N PHE D 117 9.14 -26.02 5.65
CA PHE D 117 8.55 -26.93 6.63
C PHE D 117 8.25 -26.10 7.87
N ASP D 118 7.09 -25.45 7.87
CA ASP D 118 6.80 -24.45 8.90
C ASP D 118 6.29 -25.05 10.19
N LEU D 119 5.66 -26.20 10.17
CA LEU D 119 5.20 -26.87 11.38
C LEU D 119 5.84 -28.25 11.47
N TRP D 120 6.31 -28.59 12.66
CA TRP D 120 6.95 -29.87 12.89
C TRP D 120 6.32 -30.55 14.09
N GLY D 121 6.35 -31.88 14.09
CA GLY D 121 5.91 -32.63 15.24
C GLY D 121 7.00 -32.66 16.29
N ARG D 122 6.70 -33.34 17.39
CA ARG D 122 7.69 -33.49 18.45
C ARG D 122 8.87 -34.35 18.02
N GLY D 123 8.70 -35.20 17.02
CA GLY D 123 9.72 -36.16 16.67
C GLY D 123 9.63 -37.39 17.55
N THR D 124 9.73 -38.57 16.97
CA THR D 124 9.70 -39.81 17.73
C THR D 124 10.85 -40.70 17.28
N LEU D 125 11.63 -41.18 18.24
CA LEU D 125 12.75 -42.05 17.92
C LEU D 125 12.24 -43.41 17.46
N VAL D 126 12.78 -43.89 16.35
CA VAL D 126 12.44 -45.20 15.81
C VAL D 126 13.73 -46.00 15.69
N THR D 127 13.82 -47.10 16.45
CA THR D 127 15.01 -47.93 16.43
C THR D 127 14.79 -49.13 15.52
N VAL D 128 15.83 -49.48 14.77
CA VAL D 128 15.81 -50.62 13.88
C VAL D 128 16.91 -51.57 14.33
N SER D 129 16.53 -52.63 15.04
CA SER D 129 17.51 -53.54 15.59
C SER D 129 16.90 -54.94 15.69
N GLY D 130 17.77 -55.94 15.75
CA GLY D 130 17.34 -57.31 15.89
C GLY D 130 17.07 -57.76 17.30
N ALA D 131 17.30 -56.90 18.29
CA ALA D 131 17.05 -57.25 19.68
C ALA D 131 15.58 -57.57 19.90
N ASP E 23 2.83 10.12 -32.32
CA ASP E 23 4.23 10.21 -32.84
C ASP E 23 4.95 11.40 -32.25
N ILE E 24 6.27 11.29 -32.13
CA ILE E 24 7.09 12.44 -31.77
C ILE E 24 7.34 13.27 -33.02
N VAL E 25 6.93 14.53 -32.98
CA VAL E 25 7.05 15.40 -34.14
C VAL E 25 8.31 16.23 -34.02
N MET E 26 9.11 16.23 -35.09
CA MET E 26 10.34 17.00 -35.17
C MET E 26 10.08 18.22 -36.03
N THR E 27 10.52 19.38 -35.55
CA THR E 27 10.35 20.66 -36.29
C THR E 27 11.72 21.22 -36.70
N GLN E 28 11.85 21.63 -37.96
CA GLN E 28 13.13 22.19 -38.48
C GLN E 28 12.85 23.48 -39.25
N ALA E 29 12.31 24.49 -38.55
CA ALA E 29 11.99 25.80 -39.18
C ALA E 29 13.34 26.37 -39.63
N ALA E 30 13.65 26.23 -40.92
CA ALA E 30 14.93 26.74 -41.48
C ALA E 30 14.76 26.89 -43.00
N PHE E 31 13.95 27.85 -43.43
CA PHE E 31 13.71 28.08 -44.88
C PHE E 31 14.99 28.63 -45.53
N SER E 32 15.68 29.54 -44.83
CA SER E 32 16.94 30.14 -45.34
C SER E 32 17.84 30.54 -44.17
N ASN E 33 18.81 29.69 -43.83
CA ASN E 33 19.75 29.96 -42.71
C ASN E 33 21.03 30.61 -43.27
N PRO E 34 21.07 31.94 -43.29
CA PRO E 34 22.25 32.68 -43.79
C PRO E 34 23.53 32.25 -43.07
N VAL E 35 24.47 31.67 -43.81
CA VAL E 35 25.76 31.21 -43.22
C VAL E 35 26.91 31.58 -44.17
N THR E 36 27.49 32.78 -44.00
CA THR E 36 28.58 33.24 -44.84
C THR E 36 29.67 32.18 -44.85
N LEU E 37 30.21 31.90 -46.03
CA LEU E 37 31.16 30.81 -46.16
C LEU E 37 32.39 31.05 -45.30
N GLY E 38 32.84 29.99 -44.63
CA GLY E 38 34.05 30.04 -43.84
C GLY E 38 33.82 30.02 -42.35
N THR E 39 32.83 30.76 -41.86
CA THR E 39 32.60 30.85 -40.43
C THR E 39 31.69 29.72 -39.98
N SER E 40 31.35 29.75 -38.68
CA SER E 40 30.52 28.71 -38.11
C SER E 40 29.07 28.89 -38.53
N ALA E 41 28.33 27.78 -38.50
CA ALA E 41 26.91 27.77 -38.83
C ALA E 41 26.19 26.87 -37.85
N SER E 42 24.89 27.13 -37.66
CA SER E 42 24.08 26.38 -36.72
C SER E 42 22.74 26.04 -37.35
N ILE E 43 22.27 24.82 -37.10
CA ILE E 43 20.95 24.37 -37.50
C ILE E 43 20.26 23.85 -36.25
N SER E 44 19.01 24.27 -36.04
CA SER E 44 18.28 23.96 -34.83
C SER E 44 17.11 23.04 -35.15
N CYS E 45 16.94 22.00 -34.34
CA CYS E 45 15.81 21.08 -34.44
C CYS E 45 15.18 20.96 -33.07
N ARG E 46 13.85 20.83 -33.06
CA ARG E 46 13.08 20.76 -31.83
C ARG E 46 12.13 19.59 -31.91
N SER E 47 11.89 18.94 -30.76
CA SER E 47 11.02 17.78 -30.68
C SER E 47 9.92 18.02 -29.68
N SER E 48 8.73 17.51 -29.97
CA SER E 48 7.60 17.67 -29.07
C SER E 48 7.73 16.83 -27.81
N LYS E 49 8.68 15.90 -27.77
CA LYS E 49 8.91 15.08 -26.59
C LYS E 49 10.40 14.93 -26.40
N SER E 50 10.81 14.75 -25.14
CA SER E 50 12.22 14.56 -24.84
C SER E 50 12.74 13.30 -25.53
N LEU E 51 13.89 13.42 -26.17
CA LEU E 51 14.50 12.30 -26.87
C LEU E 51 15.49 11.53 -26.01
N LEU E 52 15.61 11.88 -24.73
CA LEU E 52 16.58 11.22 -23.86
C LEU E 52 15.98 9.92 -23.35
N HIS E 53 16.64 8.81 -23.67
CA HIS E 53 16.20 7.50 -23.22
C HIS E 53 16.65 7.26 -21.78
N SER E 54 16.02 6.27 -21.14
CA SER E 54 16.42 5.93 -19.78
C SER E 54 17.83 5.38 -19.71
N ASN E 55 18.40 5.02 -20.85
CA ASN E 55 19.76 4.51 -20.94
C ASN E 55 20.80 5.63 -20.88
N GLY E 56 20.38 6.88 -20.88
CA GLY E 56 21.29 8.00 -20.92
C GLY E 56 21.60 8.52 -22.30
N ILE E 57 21.28 7.76 -23.34
CA ILE E 57 21.56 8.18 -24.70
C ILE E 57 20.39 9.02 -25.20
N THR E 58 20.70 10.03 -26.00
CA THR E 58 19.69 10.83 -26.68
C THR E 58 19.63 10.37 -28.13
N TYR E 59 18.45 9.90 -28.54
CA TYR E 59 18.32 9.25 -29.85
C TYR E 59 17.92 10.24 -30.94
N LEU E 60 18.74 11.28 -31.08
CA LEU E 60 18.63 12.18 -32.21
C LEU E 60 19.64 11.81 -33.27
N TYR E 61 19.28 12.05 -34.53
CA TYR E 61 20.18 11.77 -35.64
C TYR E 61 20.11 12.92 -36.62
N TRP E 62 21.22 13.18 -37.30
CA TRP E 62 21.32 14.24 -38.29
C TRP E 62 21.76 13.63 -39.61
N TYR E 63 20.94 13.77 -40.64
CA TYR E 63 21.20 13.22 -41.95
C TYR E 63 21.34 14.34 -42.96
N LEU E 64 22.39 14.30 -43.76
CA LEU E 64 22.66 15.32 -44.76
C LEU E 64 22.33 14.77 -46.14
N GLN E 65 21.51 15.49 -46.88
CA GLN E 65 21.17 15.14 -48.26
C GLN E 65 21.75 16.20 -49.18
N ARG E 66 22.93 15.94 -49.72
CA ARG E 66 23.52 16.85 -50.68
C ARG E 66 22.66 16.87 -51.95
N PRO E 67 22.67 17.97 -52.69
CA PRO E 67 21.81 18.06 -53.87
C PRO E 67 22.10 16.93 -54.85
N GLY E 68 21.03 16.31 -55.33
CA GLY E 68 21.18 15.23 -56.29
C GLY E 68 21.85 13.99 -55.76
N GLN E 69 21.81 13.77 -54.44
CA GLN E 69 22.43 12.61 -53.83
C GLN E 69 21.53 12.06 -52.74
N SER E 70 21.70 10.77 -52.45
CA SER E 70 20.95 10.15 -51.38
C SER E 70 21.47 10.65 -50.03
N PRO E 71 20.64 10.61 -48.99
CA PRO E 71 21.10 11.09 -47.69
C PRO E 71 22.26 10.27 -47.16
N GLN E 72 22.93 10.81 -46.15
CA GLN E 72 24.00 10.12 -45.46
C GLN E 72 24.02 10.55 -44.01
N LEU E 73 24.52 9.67 -43.16
CA LEU E 73 24.51 9.90 -41.72
C LEU E 73 25.65 10.83 -41.32
N LEU E 74 25.32 11.92 -40.62
CA LEU E 74 26.32 12.82 -40.06
C LEU E 74 26.55 12.54 -38.59
N ILE E 75 25.51 12.66 -37.78
CA ILE E 75 25.58 12.47 -36.33
C ILE E 75 24.52 11.46 -35.95
N TYR E 76 24.90 10.45 -35.18
CA TYR E 76 23.94 9.51 -34.60
C TYR E 76 23.95 9.66 -33.09
N GLN E 77 22.76 9.74 -32.51
CA GLN E 77 22.58 10.13 -31.11
C GLN E 77 23.09 11.55 -30.98
N MET E 78 24.16 11.83 -30.24
CA MET E 78 24.73 13.16 -30.25
C MET E 78 26.22 13.08 -30.04
N SER E 79 26.95 13.95 -30.72
CA SER E 79 28.40 14.06 -30.57
C SER E 79 29.10 12.78 -31.01
N ASN E 80 28.39 11.94 -31.76
CA ASN E 80 28.98 10.76 -32.37
C ASN E 80 28.91 10.94 -33.88
N LEU E 81 30.06 10.84 -34.55
CA LEU E 81 30.17 11.13 -35.97
C LEU E 81 30.21 9.83 -36.76
N ALA E 82 29.79 9.91 -38.02
CA ALA E 82 29.89 8.76 -38.90
C ALA E 82 31.35 8.48 -39.25
N SER E 83 31.56 7.42 -40.02
CA SER E 83 32.92 7.02 -40.36
C SER E 83 33.64 8.11 -41.15
N GLY E 84 33.03 8.60 -42.22
CA GLY E 84 33.67 9.57 -43.07
C GLY E 84 33.39 11.02 -42.76
N VAL E 85 32.68 11.30 -41.69
CA VAL E 85 32.28 12.68 -41.39
C VAL E 85 33.48 13.42 -40.81
N PRO E 86 33.80 14.62 -41.29
CA PRO E 86 34.89 15.39 -40.69
C PRO E 86 34.51 15.90 -39.31
N ASP E 87 35.54 16.30 -38.56
CA ASP E 87 35.32 16.80 -37.21
C ASP E 87 34.64 18.17 -37.18
N ARG E 88 34.40 18.77 -38.35
CA ARG E 88 33.73 20.07 -38.37
C ARG E 88 32.36 19.99 -37.69
N PHE E 89 31.60 18.95 -38.01
CA PHE E 89 30.24 18.82 -37.50
C PHE E 89 30.26 18.39 -36.04
N SER E 90 29.40 19.03 -35.25
CA SER E 90 29.23 18.67 -33.86
C SER E 90 27.82 19.06 -33.44
N SER E 91 27.20 18.21 -32.62
CA SER E 91 25.82 18.41 -32.22
C SER E 91 25.71 18.29 -30.72
N SER E 92 24.74 18.98 -30.16
CA SER E 92 24.50 18.93 -28.72
C SER E 92 23.14 19.54 -28.44
N GLY E 93 22.70 19.39 -27.20
CA GLY E 93 21.43 19.93 -26.78
C GLY E 93 20.98 19.27 -25.50
N SER E 94 19.77 19.63 -25.09
CA SER E 94 19.19 19.04 -23.89
C SER E 94 17.68 19.18 -23.96
N GLY E 95 17.00 18.38 -23.14
CA GLY E 95 15.56 18.41 -23.11
C GLY E 95 14.95 18.08 -24.45
N THR E 96 14.34 19.07 -25.10
CA THR E 96 13.60 18.85 -26.33
C THR E 96 14.03 19.79 -27.45
N ASP E 97 15.18 20.46 -27.30
CA ASP E 97 15.69 21.33 -28.33
C ASP E 97 17.16 21.01 -28.56
N PHE E 98 17.52 20.83 -29.83
CA PHE E 98 18.84 20.34 -30.20
C PHE E 98 19.40 21.23 -31.29
N THR E 99 20.73 21.30 -31.36
CA THR E 99 21.40 22.16 -32.31
C THR E 99 22.54 21.42 -32.97
N LEU E 100 22.68 21.61 -34.29
CA LEU E 100 23.83 21.13 -35.04
C LEU E 100 24.72 22.32 -35.35
N ARG E 101 25.96 22.27 -34.89
CA ARG E 101 26.90 23.37 -35.05
C ARG E 101 28.01 22.94 -35.99
N ILE E 102 28.23 23.75 -37.02
CA ILE E 102 29.30 23.52 -37.99
C ILE E 102 30.41 24.51 -37.70
N SER E 103 31.60 24.00 -37.39
CA SER E 103 32.72 24.88 -37.09
C SER E 103 33.10 25.75 -38.28
N ARG E 104 33.23 25.15 -39.46
CA ARG E 104 33.48 25.88 -40.70
C ARG E 104 32.62 25.27 -41.79
N VAL E 105 32.11 26.12 -42.67
CA VAL E 105 31.21 25.70 -43.74
C VAL E 105 31.93 25.86 -45.07
N GLU E 106 31.93 24.79 -45.86
CA GLU E 106 32.55 24.78 -47.18
C GLU E 106 31.47 24.72 -48.25
N ALA E 107 31.90 24.83 -49.51
CA ALA E 107 30.98 24.67 -50.62
C ALA E 107 30.36 23.28 -50.65
N GLU E 108 31.01 22.30 -50.02
CA GLU E 108 30.51 20.93 -50.02
C GLU E 108 29.50 20.66 -48.92
N ASP E 109 29.30 21.59 -47.99
CA ASP E 109 28.37 21.40 -46.89
C ASP E 109 26.97 21.93 -47.20
N VAL E 110 26.76 22.49 -48.38
CA VAL E 110 25.42 22.94 -48.76
C VAL E 110 24.53 21.72 -48.96
N GLY E 111 23.34 21.75 -48.35
CA GLY E 111 22.42 20.64 -48.47
C GLY E 111 21.32 20.78 -47.44
N VAL E 112 20.50 19.74 -47.36
CA VAL E 112 19.39 19.69 -46.42
C VAL E 112 19.76 18.76 -45.27
N TYR E 113 19.63 19.25 -44.05
CA TYR E 113 19.99 18.50 -42.85
C TYR E 113 18.71 18.11 -42.12
N TYR E 114 18.32 16.85 -42.26
CA TYR E 114 17.14 16.33 -41.58
C TYR E 114 17.51 15.85 -40.19
N CYS E 115 16.79 16.33 -39.19
CA CYS E 115 16.91 15.75 -37.87
C CYS E 115 15.89 14.63 -37.72
N ALA E 116 16.36 13.48 -37.27
CA ALA E 116 15.51 12.30 -37.13
C ALA E 116 15.64 11.77 -35.73
N GLN E 117 14.58 11.13 -35.26
CA GLN E 117 14.57 10.51 -33.95
C GLN E 117 13.89 9.17 -34.03
N ASN E 118 14.38 8.22 -33.24
CA ASN E 118 13.71 6.93 -33.11
C ASN E 118 13.68 6.48 -31.67
N LEU E 119 13.51 7.40 -30.72
CA LEU E 119 13.25 7.00 -29.35
C LEU E 119 11.99 6.16 -29.27
N GLU E 120 10.95 6.58 -29.99
CA GLU E 120 9.72 5.82 -30.13
C GLU E 120 9.43 5.62 -31.60
N LEU E 121 9.48 4.38 -32.05
CA LEU E 121 9.11 4.10 -33.43
C LEU E 121 7.64 4.46 -33.64
N PRO E 122 7.26 4.87 -34.85
CA PRO E 122 8.07 4.96 -36.05
C PRO E 122 9.05 6.13 -36.07
N TRP E 123 10.06 6.03 -36.94
CA TRP E 123 10.97 7.14 -37.17
C TRP E 123 10.18 8.37 -37.59
N THR E 124 10.56 9.52 -37.06
CA THR E 124 10.01 10.79 -37.49
C THR E 124 11.15 11.71 -37.89
N PHE E 125 11.07 12.24 -39.10
CA PHE E 125 12.06 13.16 -39.63
C PHE E 125 11.55 14.58 -39.56
N GLY E 126 12.46 15.52 -39.37
CA GLY E 126 12.11 16.91 -39.46
C GLY E 126 11.89 17.33 -40.90
N GLY E 127 11.37 18.53 -41.06
CA GLY E 127 11.16 19.06 -42.40
C GLY E 127 12.43 19.25 -43.18
N GLY E 128 13.58 19.30 -42.51
CA GLY E 128 14.84 19.49 -43.19
C GLY E 128 15.17 20.94 -43.40
N THR E 129 16.38 21.35 -43.00
CA THR E 129 16.81 22.74 -43.10
C THR E 129 17.87 22.84 -44.19
N LYS E 130 17.68 23.81 -45.09
CA LYS E 130 18.60 24.00 -46.19
C LYS E 130 19.56 25.14 -45.88
N LEU E 131 20.85 24.89 -46.04
CA LEU E 131 21.84 25.95 -45.86
C LEU E 131 21.92 26.82 -47.11
N GLU E 132 22.01 28.13 -46.86
CA GLU E 132 22.17 29.19 -47.89
C GLU E 132 23.43 29.98 -47.53
N ILE E 133 24.30 30.24 -48.51
CA ILE E 133 25.56 30.93 -48.26
C ILE E 133 25.41 32.39 -48.66
N LYS E 134 26.10 33.26 -47.95
CA LYS E 134 26.07 34.69 -48.27
C LYS E 134 27.22 35.06 -49.20
N ASP F 23 -20.25 11.32 1.07
CA ASP F 23 -20.41 11.41 2.56
C ASP F 23 -21.89 11.51 2.91
N VAL F 24 -22.31 10.76 3.92
CA VAL F 24 -23.73 10.59 4.24
C VAL F 24 -23.98 11.25 5.59
N GLN F 25 -24.67 12.39 5.57
CA GLN F 25 -25.06 13.03 6.82
C GLN F 25 -26.15 12.22 7.50
N MET F 26 -25.97 11.97 8.79
CA MET F 26 -26.93 11.21 9.58
C MET F 26 -27.57 12.14 10.60
N THR F 27 -28.89 12.24 10.54
CA THR F 27 -29.66 13.07 11.46
C THR F 27 -30.39 12.17 12.44
N GLN F 28 -30.12 12.36 13.73
CA GLN F 28 -30.67 11.51 14.77
C GLN F 28 -31.51 12.36 15.71
N SER F 29 -32.75 11.95 15.91
CA SER F 29 -33.69 12.70 16.73
C SER F 29 -34.49 11.74 17.58
N PRO F 30 -35.00 12.17 18.74
CA PRO F 30 -34.76 13.49 19.34
C PRO F 30 -33.43 13.52 20.10
N SER F 31 -32.73 14.66 20.05
CA SER F 31 -31.42 14.73 20.69
C SER F 31 -31.51 14.46 22.19
N TYR F 32 -32.59 14.93 22.82
CA TYR F 32 -32.84 14.68 24.23
C TYR F 32 -34.17 13.96 24.37
N LEU F 33 -34.15 12.84 25.10
CA LEU F 33 -35.35 12.02 25.28
C LEU F 33 -35.51 11.72 26.76
N ALA F 34 -36.70 11.96 27.29
CA ALA F 34 -37.02 11.69 28.68
C ALA F 34 -37.96 10.51 28.77
N ALA F 35 -37.67 9.58 29.68
CA ALA F 35 -38.48 8.39 29.84
C ALA F 35 -38.34 7.88 31.26
N SER F 36 -39.21 6.93 31.63
CA SER F 36 -39.14 6.29 32.93
C SER F 36 -39.11 4.78 32.75
N PRO F 37 -38.59 4.04 33.72
CA PRO F 37 -38.49 2.59 33.56
C PRO F 37 -39.84 1.96 33.26
N GLY F 38 -39.84 0.97 32.37
CA GLY F 38 -41.05 0.31 31.94
C GLY F 38 -41.69 0.92 30.71
N GLU F 39 -41.32 2.15 30.35
CA GLU F 39 -41.87 2.77 29.16
C GLU F 39 -41.16 2.23 27.92
N THR F 40 -41.77 2.50 26.76
CA THR F 40 -41.21 2.16 25.46
C THR F 40 -40.90 3.44 24.70
N ILE F 41 -39.73 3.49 24.09
CA ILE F 41 -39.26 4.68 23.38
C ILE F 41 -38.69 4.27 22.03
N THR F 42 -38.59 5.25 21.14
CA THR F 42 -38.05 5.04 19.80
C THR F 42 -37.12 6.18 19.44
N ILE F 43 -35.97 5.81 18.86
CA ILE F 43 -34.93 6.78 18.39
C ILE F 43 -34.91 6.75 16.86
N ASN F 44 -35.23 7.88 16.22
CA ASN F 44 -35.28 7.97 14.77
C ASN F 44 -33.95 8.47 14.24
N CYS F 45 -33.39 7.74 13.29
CA CYS F 45 -32.17 8.14 12.60
C CYS F 45 -32.45 8.17 11.12
N ARG F 46 -32.10 9.28 10.48
CA ARG F 46 -32.34 9.48 9.06
C ARG F 46 -31.02 9.74 8.34
N ALA F 47 -30.85 9.11 7.19
CA ALA F 47 -29.66 9.27 6.38
C ALA F 47 -29.94 10.19 5.20
N SER F 48 -29.00 11.08 4.90
CA SER F 48 -29.18 11.99 3.79
C SER F 48 -29.34 11.27 2.46
N LYS F 49 -28.77 10.08 2.31
CA LYS F 49 -28.96 9.25 1.14
C LYS F 49 -29.15 7.82 1.57
N SER F 50 -29.71 7.02 0.67
CA SER F 50 -30.02 5.63 1.01
C SER F 50 -28.76 4.91 1.47
N ILE F 51 -28.88 4.19 2.58
CA ILE F 51 -27.80 3.35 3.08
C ILE F 51 -28.30 1.92 3.16
N SER F 52 -29.26 1.59 2.28
CA SER F 52 -29.88 0.26 2.28
C SER F 52 -30.28 -0.14 3.69
N LYS F 53 -29.60 -1.12 4.27
CA LYS F 53 -29.95 -1.64 5.58
C LYS F 53 -28.82 -1.51 6.59
N PHE F 54 -27.67 -0.97 6.20
CA PHE F 54 -26.48 -1.02 7.02
C PHE F 54 -26.44 0.19 7.94
N LEU F 55 -27.14 0.06 9.06
CA LEU F 55 -27.11 1.04 10.13
C LEU F 55 -27.00 0.32 11.46
N ALA F 56 -26.14 0.84 12.33
CA ALA F 56 -25.85 0.21 13.61
C ALA F 56 -26.11 1.19 14.74
N TRP F 57 -26.46 0.65 15.90
CA TRP F 57 -26.81 1.45 17.06
C TRP F 57 -25.84 1.11 18.20
N TYR F 58 -25.25 2.14 18.78
CA TYR F 58 -24.29 1.97 19.87
C TYR F 58 -24.83 2.60 21.14
N GLN F 59 -24.45 2.01 22.27
CA GLN F 59 -24.82 2.51 23.59
C GLN F 59 -23.56 2.96 24.30
N GLU F 60 -23.45 4.27 24.52
CA GLU F 60 -22.34 4.83 25.29
C GLU F 60 -22.87 5.26 26.65
N LYS F 61 -22.22 4.78 27.72
CA LYS F 61 -22.54 5.24 29.05
C LYS F 61 -21.24 5.40 29.82
N PRO F 62 -21.19 6.33 30.78
CA PRO F 62 -19.91 6.62 31.44
C PRO F 62 -19.32 5.40 32.12
N GLY F 63 -18.00 5.30 32.06
CA GLY F 63 -17.29 4.29 32.80
C GLY F 63 -17.15 2.95 32.12
N LYS F 64 -17.57 2.82 30.87
CA LYS F 64 -17.40 1.55 30.18
C LYS F 64 -17.40 1.78 28.67
N THR F 65 -16.89 0.79 27.95
CA THR F 65 -16.71 0.92 26.51
C THR F 65 -18.06 0.94 25.80
N ASN F 66 -18.09 1.58 24.64
CA ASN F 66 -19.32 1.64 23.88
C ASN F 66 -19.77 0.24 23.49
N LYS F 67 -21.08 0.02 23.50
CA LYS F 67 -21.67 -1.28 23.28
C LYS F 67 -22.39 -1.28 21.94
N LEU F 68 -22.14 -2.30 21.14
CA LEU F 68 -22.87 -2.45 19.89
C LEU F 68 -24.20 -3.14 20.16
N LEU F 69 -25.31 -2.45 19.88
CA LEU F 69 -26.62 -3.04 20.10
C LEU F 69 -27.13 -3.76 18.86
N ILE F 70 -27.23 -3.04 17.75
CA ILE F 70 -27.85 -3.55 16.54
C ILE F 70 -26.92 -3.24 15.37
N TYR F 71 -26.87 -4.14 14.39
CA TYR F 71 -26.16 -3.89 13.16
C TYR F 71 -27.00 -4.36 11.99
N SER F 72 -26.74 -3.79 10.83
CA SER F 72 -27.51 -4.08 9.62
C SER F 72 -28.99 -3.81 9.86
N GLY F 73 -29.28 -2.73 10.58
CA GLY F 73 -30.64 -2.27 10.74
C GLY F 73 -31.41 -2.97 11.82
N SER F 74 -31.39 -4.31 11.84
CA SER F 74 -32.27 -5.06 12.74
C SER F 74 -31.60 -6.20 13.47
N THR F 75 -30.41 -6.64 13.10
CA THR F 75 -29.78 -7.80 13.72
C THR F 75 -29.15 -7.37 15.04
N LEU F 76 -29.77 -7.74 16.15
CA LEU F 76 -29.22 -7.33 17.44
C LEU F 76 -28.04 -8.20 17.81
N GLN F 77 -27.01 -7.56 18.38
CA GLN F 77 -25.76 -8.24 18.66
C GLN F 77 -25.96 -9.32 19.72
N SER F 78 -25.15 -10.36 19.63
CA SER F 78 -25.20 -11.43 20.62
C SER F 78 -24.93 -10.88 22.01
N GLY F 79 -25.72 -11.33 22.98
CA GLY F 79 -25.59 -10.86 24.34
C GLY F 79 -26.39 -9.62 24.67
N ILE F 80 -27.04 -9.01 23.68
CA ILE F 80 -27.88 -7.83 23.92
C ILE F 80 -29.27 -8.30 24.31
N PRO F 81 -29.92 -7.68 25.31
CA PRO F 81 -31.27 -8.10 25.66
C PRO F 81 -32.23 -7.94 24.49
N SER F 82 -33.23 -8.83 24.45
CA SER F 82 -34.18 -8.83 23.34
C SER F 82 -35.02 -7.58 23.29
N ARG F 83 -35.07 -6.78 24.35
CA ARG F 83 -35.93 -5.60 24.36
C ARG F 83 -35.45 -4.54 23.37
N PHE F 84 -34.20 -4.61 22.91
CA PHE F 84 -33.72 -3.69 21.89
C PHE F 84 -34.13 -4.21 20.51
N SER F 85 -34.75 -3.34 19.72
CA SER F 85 -35.24 -3.71 18.41
C SER F 85 -34.87 -2.64 17.40
N GLY F 86 -34.50 -3.07 16.21
CA GLY F 86 -34.16 -2.15 15.13
C GLY F 86 -35.08 -2.37 13.95
N SER F 87 -35.37 -1.29 13.22
CA SER F 87 -36.30 -1.37 12.11
C SER F 87 -35.96 -0.28 11.10
N GLY F 88 -36.43 -0.48 9.89
CA GLY F 88 -36.27 0.49 8.82
C GLY F 88 -35.25 0.06 7.78
N SER F 89 -35.33 0.70 6.63
CA SER F 89 -34.39 0.47 5.55
C SER F 89 -34.41 1.69 4.64
N GLY F 90 -33.34 1.84 3.87
CA GLY F 90 -33.22 2.98 2.98
C GLY F 90 -32.68 4.22 3.68
N THR F 91 -33.55 5.19 3.96
CA THR F 91 -33.13 6.43 4.58
C THR F 91 -33.76 6.67 5.96
N ASP F 92 -34.69 5.81 6.39
CA ASP F 92 -35.36 5.96 7.68
C ASP F 92 -35.12 4.71 8.51
N PHE F 93 -34.67 4.91 9.74
CA PHE F 93 -34.39 3.80 10.65
C PHE F 93 -34.92 4.15 12.03
N THR F 94 -35.08 3.12 12.86
CA THR F 94 -35.62 3.31 14.20
C THR F 94 -35.03 2.27 15.14
N LEU F 95 -34.64 2.73 16.33
CA LEU F 95 -34.28 1.85 17.43
C LEU F 95 -35.36 1.93 18.48
N THR F 96 -35.99 0.80 18.77
CA THR F 96 -37.09 0.74 19.73
C THR F 96 -36.64 0.00 20.96
N ILE F 97 -36.72 0.66 22.10
CA ILE F 97 -36.43 0.06 23.40
C ILE F 97 -37.76 -0.04 24.13
N SER F 98 -38.16 -1.27 24.45
CA SER F 98 -39.42 -1.54 25.14
C SER F 98 -39.14 -1.95 26.57
N SER F 99 -39.95 -1.45 27.49
CA SER F 99 -39.79 -1.74 28.92
C SER F 99 -38.38 -1.36 29.39
N LEU F 100 -38.11 -0.06 29.33
CA LEU F 100 -36.81 0.46 29.72
C LEU F 100 -36.43 -0.02 31.11
N GLU F 101 -35.27 -0.63 31.21
CA GLU F 101 -34.65 -0.91 32.49
C GLU F 101 -33.88 0.30 32.97
N PRO F 102 -33.60 0.41 34.27
CA PRO F 102 -32.79 1.54 34.75
C PRO F 102 -31.41 1.57 34.15
N GLU F 103 -30.92 0.45 33.62
CA GLU F 103 -29.60 0.41 33.00
C GLU F 103 -29.60 0.92 31.57
N ASP F 104 -30.78 1.14 30.97
CA ASP F 104 -30.85 1.52 29.57
C ASP F 104 -30.72 3.02 29.35
N PHE F 105 -30.63 3.82 30.41
CA PHE F 105 -30.52 5.27 30.25
C PHE F 105 -29.08 5.62 29.93
N ALA F 106 -28.82 6.03 28.69
CA ALA F 106 -27.46 6.31 28.25
C ALA F 106 -27.52 7.07 26.94
N MET F 107 -26.35 7.27 26.35
CA MET F 107 -26.24 7.93 25.06
C MET F 107 -26.29 6.88 23.96
N TYR F 108 -27.08 7.14 22.92
CA TYR F 108 -27.23 6.22 21.79
C TYR F 108 -26.85 6.91 20.50
N TYR F 109 -26.05 6.22 19.68
CA TYR F 109 -25.56 6.75 18.41
C TYR F 109 -25.99 5.82 17.29
N CYS F 110 -26.43 6.41 16.18
CA CYS F 110 -26.64 5.64 14.96
C CYS F 110 -25.49 5.87 14.01
N GLN F 111 -24.93 4.78 13.50
CA GLN F 111 -23.77 4.84 12.62
C GLN F 111 -24.02 3.99 11.40
N GLN F 112 -24.05 4.63 10.24
CA GLN F 112 -24.21 3.89 8.99
C GLN F 112 -22.90 3.28 8.57
N HIS F 113 -22.95 2.02 8.13
CA HIS F 113 -21.78 1.37 7.57
C HIS F 113 -22.02 0.87 6.15
N ASN F 114 -22.81 1.59 5.35
CA ASN F 114 -22.99 1.24 3.95
C ASN F 114 -21.95 1.94 3.08
N GLU F 115 -21.99 3.29 3.08
CA GLU F 115 -20.96 4.05 2.34
C GLU F 115 -19.65 3.88 3.13
N TYR F 116 -18.57 4.59 2.79
CA TYR F 116 -17.28 4.23 3.41
C TYR F 116 -16.88 5.17 4.56
N PRO F 117 -16.99 6.49 4.41
CA PRO F 117 -16.67 7.35 5.53
C PRO F 117 -17.79 7.15 6.57
N TYR F 118 -17.57 6.27 7.56
CA TYR F 118 -18.63 5.97 8.56
C TYR F 118 -19.03 7.27 9.25
N THR F 119 -20.34 7.57 9.22
CA THR F 119 -20.83 8.79 9.84
C THR F 119 -21.77 8.42 10.98
N PHE F 120 -21.47 8.91 12.17
CA PHE F 120 -22.33 8.69 13.32
C PHE F 120 -23.36 9.81 13.41
N GLY F 121 -24.46 9.51 14.08
CA GLY F 121 -25.43 10.54 14.37
C GLY F 121 -24.97 11.41 15.53
N ALA F 122 -25.68 12.51 15.72
CA ALA F 122 -25.38 13.39 16.84
C ALA F 122 -25.55 12.67 18.17
N GLY F 123 -26.42 11.68 18.23
CA GLY F 123 -26.65 10.94 19.46
C GLY F 123 -27.77 11.53 20.28
N THR F 124 -28.49 10.67 20.97
CA THR F 124 -29.62 11.07 21.80
C THR F 124 -29.35 10.66 23.24
N LYS F 125 -29.38 11.63 24.14
CA LYS F 125 -29.26 11.35 25.57
C LYS F 125 -30.60 10.87 26.09
N LEU F 126 -30.61 9.72 26.75
CA LEU F 126 -31.83 9.13 27.28
C LEU F 126 -31.81 9.26 28.79
N GLU F 127 -32.58 10.21 29.32
CA GLU F 127 -32.54 10.57 30.72
C GLU F 127 -33.83 10.16 31.41
N LEU F 128 -33.70 9.84 32.70
CA LEU F 128 -34.85 9.40 33.54
C LEU F 128 -35.78 10.60 33.76
N LYS F 129 -37.09 10.40 33.61
CA LYS F 129 -38.07 11.47 33.79
C LYS F 129 -38.36 11.68 35.27
N ARG F 130 -38.93 12.84 35.57
CA ARG F 130 -39.37 13.16 36.93
C ARG F 130 -40.35 14.31 36.85
N THR F 131 -40.99 14.59 37.98
CA THR F 131 -41.88 15.75 38.07
C THR F 131 -41.08 17.03 38.00
N VAL F 132 -41.67 18.05 37.36
CA VAL F 132 -40.99 19.33 37.20
C VAL F 132 -40.58 19.88 38.56
N ALA F 133 -39.39 20.48 38.62
CA ALA F 133 -38.88 21.08 39.84
C ALA F 133 -38.34 22.46 39.53
N ALA F 134 -38.69 23.44 40.37
CA ALA F 134 -38.25 24.80 40.14
C ALA F 134 -36.80 24.97 40.57
N PRO F 135 -36.02 25.79 39.85
CA PRO F 135 -34.63 26.02 40.26
C PRO F 135 -34.55 26.97 41.45
N SER F 136 -33.67 26.65 42.39
CA SER F 136 -33.33 27.58 43.45
C SER F 136 -32.21 28.48 42.96
N VAL F 137 -32.48 29.77 42.84
CA VAL F 137 -31.56 30.72 42.21
C VAL F 137 -30.75 31.42 43.29
N PHE F 138 -29.44 31.39 43.15
CA PHE F 138 -28.53 32.10 44.03
C PHE F 138 -27.55 32.89 43.20
N ILE F 139 -27.15 34.05 43.72
CA ILE F 139 -26.19 34.93 43.07
C ILE F 139 -25.10 35.27 44.07
N PHE F 140 -23.85 35.20 43.63
CA PHE F 140 -22.70 35.42 44.51
C PHE F 140 -21.87 36.59 43.98
N PRO F 141 -21.74 37.68 44.73
CA PRO F 141 -20.87 38.76 44.27
C PRO F 141 -19.43 38.31 44.28
N PRO F 142 -18.59 38.90 43.42
CA PRO F 142 -17.17 38.55 43.44
C PRO F 142 -16.53 38.91 44.77
N SER F 143 -15.70 37.99 45.27
CA SER F 143 -15.07 38.19 46.57
C SER F 143 -14.00 39.27 46.50
N ASP F 144 -13.63 39.79 47.67
CA ASP F 144 -12.57 40.79 47.73
C ASP F 144 -11.25 40.20 47.25
N GLU F 145 -10.96 38.96 47.64
CA GLU F 145 -9.73 38.32 47.17
C GLU F 145 -9.72 38.21 45.65
N GLN F 146 -10.85 37.85 45.04
CA GLN F 146 -10.92 37.80 43.59
C GLN F 146 -10.70 39.19 43.00
N LEU F 147 -11.27 40.22 43.64
CA LEU F 147 -11.14 41.57 43.11
C LEU F 147 -9.69 42.04 43.14
N LYS F 148 -8.96 41.72 44.21
CA LYS F 148 -7.58 42.18 44.33
C LYS F 148 -6.72 41.69 43.16
N SER F 149 -7.08 40.58 42.53
CA SER F 149 -6.35 40.11 41.36
C SER F 149 -6.64 40.95 40.13
N GLY F 150 -7.58 41.88 40.19
CA GLY F 150 -7.93 42.71 39.06
C GLY F 150 -9.01 42.15 38.17
N THR F 151 -9.49 40.94 38.44
CA THR F 151 -10.57 40.32 37.69
C THR F 151 -11.72 39.97 38.63
N ALA F 152 -12.94 40.23 38.17
CA ALA F 152 -14.15 39.93 38.93
C ALA F 152 -14.93 38.84 38.22
N SER F 153 -15.54 37.95 38.99
CA SER F 153 -16.32 36.84 38.43
C SER F 153 -17.57 36.66 39.30
N VAL F 154 -18.66 37.30 38.86
CA VAL F 154 -19.95 37.10 39.50
C VAL F 154 -20.59 35.85 38.93
N VAL F 155 -21.15 35.02 39.81
CA VAL F 155 -21.70 33.73 39.43
C VAL F 155 -23.11 33.60 39.99
N CYS F 156 -24.03 33.17 39.12
CA CYS F 156 -25.41 32.91 39.50
C CYS F 156 -25.68 31.43 39.35
N LEU F 157 -26.30 30.83 40.37
CA LEU F 157 -26.40 29.38 40.47
C LEU F 157 -27.85 28.95 40.52
N LEU F 158 -28.18 27.93 39.72
CA LEU F 158 -29.47 27.26 39.74
C LEU F 158 -29.26 25.86 40.29
N ASN F 159 -30.07 25.47 41.26
CA ASN F 159 -29.88 24.22 41.98
C ASN F 159 -31.11 23.33 41.86
N ASN F 160 -30.88 22.06 41.54
CA ASN F 160 -31.91 21.02 41.62
C ASN F 160 -33.18 21.43 40.88
N PHE F 161 -33.07 21.55 39.57
CA PHE F 161 -34.21 21.84 38.71
C PHE F 161 -34.37 20.76 37.66
N TYR F 162 -35.55 20.76 37.02
CA TYR F 162 -35.87 19.81 35.97
C TYR F 162 -37.01 20.40 35.16
N PRO F 163 -37.00 20.27 33.82
CA PRO F 163 -36.03 19.60 32.96
C PRO F 163 -34.77 20.43 32.69
N ARG F 164 -33.94 19.92 31.77
CA ARG F 164 -32.65 20.54 31.49
C ARG F 164 -32.77 21.87 30.77
N GLU F 165 -33.96 22.22 30.29
CA GLU F 165 -34.13 23.37 29.40
C GLU F 165 -33.95 24.72 30.09
N ALA F 166 -33.53 24.79 31.35
CA ALA F 166 -33.40 26.09 32.00
C ALA F 166 -32.45 26.99 31.23
N LYS F 167 -32.80 28.27 31.14
CA LYS F 167 -31.97 29.27 30.47
C LYS F 167 -31.91 30.51 31.33
N VAL F 168 -30.75 31.17 31.31
CA VAL F 168 -30.53 32.38 32.08
C VAL F 168 -29.90 33.45 31.20
N GLN F 169 -30.06 34.70 31.60
CA GLN F 169 -29.43 35.83 30.94
C GLN F 169 -29.05 36.85 31.99
N TRP F 170 -27.86 37.43 31.84
CA TRP F 170 -27.35 38.36 32.83
C TRP F 170 -27.85 39.77 32.55
N LYS F 171 -28.25 40.47 33.60
CA LYS F 171 -28.62 41.88 33.54
C LYS F 171 -27.79 42.66 34.55
N VAL F 172 -27.03 43.63 34.06
CA VAL F 172 -26.28 44.55 34.91
C VAL F 172 -26.89 45.93 34.70
N ASP F 173 -27.36 46.54 35.78
CA ASP F 173 -28.18 47.73 35.68
C ASP F 173 -29.32 47.46 34.71
N ASN F 174 -29.74 48.48 33.94
CA ASN F 174 -30.77 48.25 32.94
C ASN F 174 -30.24 47.43 31.77
N ALA F 175 -28.96 47.59 31.44
CA ALA F 175 -28.41 47.00 30.24
C ALA F 175 -28.33 45.48 30.36
N LEU F 176 -28.48 44.81 29.22
CA LEU F 176 -28.27 43.38 29.13
C LEU F 176 -26.84 43.09 28.70
N GLN F 177 -26.32 41.97 29.16
CA GLN F 177 -24.95 41.55 28.86
C GLN F 177 -24.96 40.18 28.20
N SER F 178 -24.08 40.00 27.23
CA SER F 178 -23.99 38.73 26.52
C SER F 178 -22.57 38.55 26.01
N GLY F 179 -22.20 37.29 25.78
CA GLY F 179 -20.89 36.97 25.25
C GLY F 179 -19.82 36.85 26.31
N ASN F 180 -19.91 37.66 27.36
CA ASN F 180 -18.93 37.67 28.44
C ASN F 180 -19.32 36.75 29.60
N SER F 181 -20.12 35.73 29.36
CA SER F 181 -20.58 34.83 30.41
C SER F 181 -20.38 33.38 29.97
N GLN F 182 -20.08 32.52 30.95
CA GLN F 182 -19.88 31.10 30.73
C GLN F 182 -20.85 30.31 31.60
N GLU F 183 -21.33 29.19 31.07
CA GLU F 183 -22.30 28.35 31.76
C GLU F 183 -21.81 26.91 31.79
N SER F 184 -22.17 26.22 32.85
CA SER F 184 -21.84 24.81 33.00
C SER F 184 -22.97 24.13 33.76
N VAL F 185 -23.30 22.91 33.33
CA VAL F 185 -24.42 22.17 33.89
C VAL F 185 -23.95 20.77 34.26
N THR F 186 -24.26 20.35 35.49
CA THR F 186 -23.91 19.00 35.92
C THR F 186 -24.95 18.01 35.41
N GLU F 187 -24.52 16.75 35.27
CA GLU F 187 -25.43 15.71 34.83
C GLU F 187 -26.48 15.45 35.90
N GLN F 188 -27.43 14.58 35.56
CA GLN F 188 -28.50 14.26 36.51
C GLN F 188 -27.93 13.69 37.80
N ASP F 189 -28.40 14.22 38.92
CA ASP F 189 -28.05 13.68 40.23
C ASP F 189 -28.89 12.43 40.48
N SER F 190 -28.24 11.27 40.53
CA SER F 190 -28.98 10.02 40.64
C SER F 190 -29.86 9.97 41.88
N LYS F 191 -29.52 10.71 42.93
CA LYS F 191 -30.31 10.68 44.15
C LYS F 191 -31.70 11.27 43.95
N ASP F 192 -31.82 12.32 43.14
CA ASP F 192 -33.13 12.92 42.89
C ASP F 192 -33.37 13.27 41.43
N SER F 193 -32.48 12.94 40.52
CA SER F 193 -32.66 13.08 39.08
C SER F 193 -32.77 14.53 38.62
N THR F 194 -32.30 15.48 39.42
CA THR F 194 -32.39 16.89 39.06
C THR F 194 -31.04 17.40 38.54
N TYR F 195 -31.08 18.57 37.92
CA TYR F 195 -29.88 19.23 37.41
C TYR F 195 -29.52 20.44 38.26
N SER F 196 -28.30 20.91 38.07
CA SER F 196 -27.84 22.17 38.62
C SER F 196 -27.03 22.89 37.55
N LEU F 197 -27.19 24.21 37.49
CA LEU F 197 -26.55 25.03 36.47
C LEU F 197 -25.88 26.22 37.14
N SER F 198 -24.70 26.58 36.65
CA SER F 198 -23.95 27.73 37.14
C SER F 198 -23.52 28.59 35.95
N SER F 199 -23.81 29.88 36.05
CA SER F 199 -23.42 30.86 35.04
C SER F 199 -22.49 31.87 35.70
N THR F 200 -21.31 32.06 35.12
CA THR F 200 -20.32 32.99 35.65
C THR F 200 -20.08 34.08 34.63
N LEU F 201 -20.19 35.33 35.07
CA LEU F 201 -19.95 36.50 34.23
C LEU F 201 -18.61 37.10 34.64
N THR F 202 -17.70 37.20 33.68
CA THR F 202 -16.32 37.64 33.94
C THR F 202 -16.18 39.11 33.53
N LEU F 203 -15.77 39.93 34.48
CA LEU F 203 -15.56 41.35 34.23
C LEU F 203 -14.27 41.79 34.92
N SER F 204 -13.50 42.61 34.21
CA SER F 204 -12.31 43.19 34.82
C SER F 204 -12.71 44.14 35.93
N LYS F 205 -11.77 44.38 36.85
CA LYS F 205 -12.08 45.23 38.00
C LYS F 205 -12.63 46.58 37.55
N ALA F 206 -11.98 47.20 36.55
CA ALA F 206 -12.50 48.46 36.04
C ALA F 206 -13.91 48.31 35.50
N ASP F 207 -14.13 47.30 34.65
CA ASP F 207 -15.46 47.08 34.11
C ASP F 207 -16.46 46.77 35.21
N TYR F 208 -16.06 46.00 36.21
CA TYR F 208 -16.96 45.69 37.31
C TYR F 208 -17.36 46.96 38.06
N GLU F 209 -16.42 47.89 38.21
CA GLU F 209 -16.68 49.09 39.00
C GLU F 209 -17.58 50.09 38.27
N LYS F 210 -17.66 50.01 36.94
CA LYS F 210 -18.46 50.97 36.20
C LYS F 210 -19.95 50.74 36.34
N HIS F 211 -20.37 49.63 36.96
CA HIS F 211 -21.78 49.29 37.09
C HIS F 211 -22.13 49.16 38.57
N LYS F 212 -23.41 49.36 38.86
CA LYS F 212 -23.91 49.39 40.23
C LYS F 212 -24.57 48.07 40.65
N VAL F 213 -25.60 47.65 39.92
CA VAL F 213 -26.45 46.53 40.31
C VAL F 213 -26.29 45.41 39.29
N TYR F 214 -26.13 44.18 39.77
CA TYR F 214 -25.98 43.01 38.93
C TYR F 214 -27.11 42.03 39.23
N ALA F 215 -27.67 41.44 38.17
CA ALA F 215 -28.78 40.52 38.33
C ALA F 215 -28.67 39.41 37.29
N CYS F 216 -29.22 38.25 37.63
CA CYS F 216 -29.31 37.12 36.72
C CYS F 216 -30.77 36.73 36.55
N GLU F 217 -31.26 36.79 35.32
CA GLU F 217 -32.62 36.43 34.98
C GLU F 217 -32.69 34.94 34.67
N VAL F 218 -33.63 34.25 35.30
CA VAL F 218 -33.75 32.80 35.15
C VAL F 218 -35.11 32.51 34.52
N THR F 219 -35.08 31.85 33.37
CA THR F 219 -36.29 31.42 32.68
C THR F 219 -36.27 29.90 32.61
N HIS F 220 -37.32 29.27 33.15
CA HIS F 220 -37.40 27.82 33.17
C HIS F 220 -38.85 27.40 33.17
N GLN F 221 -39.12 26.28 32.49
CA GLN F 221 -40.50 25.81 32.33
C GLN F 221 -41.17 25.57 33.69
N GLY F 222 -40.39 25.25 34.72
CA GLY F 222 -40.95 25.01 36.03
C GLY F 222 -41.27 26.26 36.82
N LEU F 223 -40.99 27.43 36.27
CA LEU F 223 -41.27 28.70 36.94
C LEU F 223 -42.50 29.34 36.32
N SER F 224 -43.42 29.79 37.18
CA SER F 224 -44.58 30.53 36.67
C SER F 224 -44.16 31.81 35.98
N SER F 225 -43.20 32.54 36.55
CA SER F 225 -42.70 33.77 35.98
C SER F 225 -41.18 33.79 36.16
N PRO F 226 -40.44 34.48 35.30
CA PRO F 226 -38.98 34.47 35.43
C PRO F 226 -38.53 34.99 36.78
N VAL F 227 -37.49 34.36 37.32
CA VAL F 227 -36.96 34.70 38.63
C VAL F 227 -35.75 35.61 38.45
N THR F 228 -35.72 36.69 39.22
CA THR F 228 -34.61 37.63 39.21
C THR F 228 -33.96 37.66 40.58
N LYS F 229 -32.65 37.46 40.61
CA LYS F 229 -31.85 37.66 41.82
C LYS F 229 -30.80 38.71 41.51
N SER F 230 -30.65 39.68 42.41
CA SER F 230 -29.81 40.83 42.15
C SER F 230 -29.15 41.29 43.43
N PHE F 231 -28.07 42.04 43.28
CA PHE F 231 -27.35 42.61 44.41
C PHE F 231 -26.70 43.92 43.97
N ASN F 232 -26.39 44.75 44.95
CA ASN F 232 -25.75 46.03 44.71
C ASN F 232 -24.27 45.96 45.08
N ARG F 233 -23.43 46.61 44.29
CA ARG F 233 -21.99 46.52 44.48
C ARG F 233 -21.62 46.97 45.88
N GLY F 234 -20.74 46.22 46.53
CA GLY F 234 -20.38 46.44 47.91
C GLY F 234 -21.19 45.64 48.91
N GLU F 235 -22.26 44.99 48.47
CA GLU F 235 -23.10 44.19 49.36
C GLU F 235 -23.28 42.78 48.80
N ASP G 1 20.77 -33.51 -7.45
CA ASP G 1 21.77 -32.75 -8.25
C ASP G 1 22.36 -31.60 -7.45
N ILE G 2 21.48 -30.82 -6.82
CA ILE G 2 21.92 -29.69 -6.02
C ILE G 2 22.43 -30.19 -4.67
N GLN G 3 23.63 -29.74 -4.31
CA GLN G 3 24.22 -30.07 -3.02
C GLN G 3 24.84 -28.80 -2.45
N MET G 4 24.94 -28.75 -1.13
CA MET G 4 25.13 -27.47 -0.46
C MET G 4 25.72 -27.68 0.92
N THR G 5 26.79 -26.94 1.20
CA THR G 5 27.59 -27.12 2.41
C THR G 5 27.40 -25.93 3.33
N GLN G 6 27.23 -26.21 4.61
CA GLN G 6 27.05 -25.20 5.64
C GLN G 6 28.27 -25.16 6.54
N THR G 7 28.87 -23.99 6.68
CA THR G 7 30.07 -23.82 7.49
C THR G 7 29.90 -22.60 8.37
N PRO G 8 30.52 -22.59 9.57
CA PRO G 8 31.31 -23.67 10.16
C PRO G 8 30.44 -24.76 10.77
N SER G 9 30.99 -25.96 10.93
CA SER G 9 30.22 -27.06 11.50
C SER G 9 29.79 -26.75 12.93
N SER G 10 30.67 -26.17 13.72
CA SER G 10 30.31 -25.73 15.06
C SER G 10 31.24 -24.60 15.46
N LEU G 11 30.66 -23.54 16.02
CA LEU G 11 31.43 -22.37 16.39
C LEU G 11 31.06 -21.97 17.81
N SER G 12 32.05 -21.45 18.53
CA SER G 12 31.88 -21.04 19.92
C SER G 12 31.78 -19.53 19.98
N ALA G 13 30.80 -19.03 20.72
CA ALA G 13 30.59 -17.59 20.85
C ALA G 13 30.10 -17.30 22.26
N SER G 14 30.15 -16.03 22.63
CA SER G 14 29.73 -15.57 23.95
C SER G 14 28.55 -14.62 23.81
N VAL G 15 27.77 -14.52 24.88
CA VAL G 15 26.57 -13.70 24.86
C VAL G 15 26.91 -12.28 24.42
N GLY G 16 26.06 -11.71 23.58
CA GLY G 16 26.25 -10.36 23.10
C GLY G 16 27.10 -10.25 21.86
N ASP G 17 27.73 -11.35 21.43
CA ASP G 17 28.60 -11.30 20.27
C ASP G 17 27.81 -11.30 18.97
N ARG G 18 28.46 -10.87 17.90
CA ARG G 18 27.90 -11.00 16.56
C ARG G 18 28.45 -12.24 15.89
N VAL G 19 27.55 -13.12 15.45
CA VAL G 19 27.94 -14.40 14.86
C VAL G 19 27.31 -14.51 13.48
N THR G 20 28.06 -15.09 12.54
CA THR G 20 27.61 -15.26 11.18
C THR G 20 27.76 -16.71 10.77
N ILE G 21 26.69 -17.29 10.23
CA ILE G 21 26.67 -18.65 9.75
C ILE G 21 26.49 -18.60 8.24
N THR G 22 27.32 -19.33 7.52
CA THR G 22 27.36 -19.26 6.07
C THR G 22 26.97 -20.61 5.47
N CYS G 23 26.02 -20.58 4.55
CA CYS G 23 25.59 -21.75 3.80
C CYS G 23 25.79 -21.47 2.32
N ARG G 24 26.51 -22.35 1.65
CA ARG G 24 26.93 -22.13 0.27
C ARG G 24 26.32 -23.22 -0.60
N ALA G 25 25.59 -22.82 -1.63
CA ALA G 25 24.99 -23.77 -2.56
C ALA G 25 25.92 -23.99 -3.74
N SER G 26 25.91 -25.22 -4.27
CA SER G 26 26.77 -25.54 -5.40
C SER G 26 26.29 -24.92 -6.71
N GLN G 27 25.04 -24.49 -6.77
CA GLN G 27 24.49 -23.85 -7.96
C GLN G 27 23.66 -22.66 -7.52
N SER G 28 23.46 -21.72 -8.45
CA SER G 28 22.66 -20.53 -8.14
C SER G 28 21.23 -20.95 -7.87
N ILE G 29 20.79 -20.78 -6.62
CA ILE G 29 19.44 -21.16 -6.21
C ILE G 29 18.59 -19.92 -5.95
N GLY G 30 18.92 -18.80 -6.54
CA GLY G 30 18.14 -17.59 -6.30
C GLY G 30 18.11 -17.26 -4.83
N ALA G 31 16.91 -17.06 -4.29
CA ALA G 31 16.71 -16.83 -2.87
C ALA G 31 16.07 -18.01 -2.18
N SER G 32 16.10 -19.19 -2.78
CA SER G 32 15.40 -20.35 -2.25
C SER G 32 16.16 -21.00 -1.11
N LEU G 33 16.44 -20.26 -0.05
CA LEU G 33 17.11 -20.81 1.12
C LEU G 33 16.33 -20.45 2.38
N ASN G 34 16.14 -21.43 3.25
CA ASN G 34 15.47 -21.24 4.52
C ASN G 34 16.39 -21.68 5.65
N TRP G 35 16.22 -21.06 6.81
CA TRP G 35 17.05 -21.34 7.96
C TRP G 35 16.19 -21.89 9.08
N TYR G 36 16.67 -22.95 9.72
CA TYR G 36 15.95 -23.62 10.80
C TYR G 36 16.81 -23.64 12.04
N GLN G 37 16.18 -23.39 13.19
CA GLN G 37 16.83 -23.42 14.49
C GLN G 37 16.29 -24.61 15.27
N GLN G 38 17.19 -25.42 15.81
CA GLN G 38 16.81 -26.59 16.60
C GLN G 38 17.53 -26.56 17.94
N LYS G 39 16.83 -26.18 18.98
CA LYS G 39 17.38 -26.35 20.31
C LYS G 39 17.41 -27.83 20.65
N PRO G 40 18.34 -28.27 21.48
CA PRO G 40 18.46 -29.71 21.74
C PRO G 40 17.17 -30.28 22.33
N GLY G 41 16.79 -31.46 21.84
CA GLY G 41 15.60 -32.12 22.30
C GLY G 41 14.30 -31.57 21.76
N GLU G 42 14.35 -30.77 20.70
CA GLU G 42 13.16 -30.17 20.12
C GLU G 42 13.19 -30.30 18.60
N ALA G 43 12.03 -30.13 17.99
CA ALA G 43 11.97 -30.14 16.54
C ALA G 43 12.45 -28.81 15.99
N PRO G 44 13.02 -28.81 14.79
CA PRO G 44 13.53 -27.55 14.23
C PRO G 44 12.42 -26.51 14.11
N LYS G 45 12.80 -25.25 14.33
CA LYS G 45 11.89 -24.12 14.21
C LYS G 45 12.20 -23.37 12.93
N PHE G 46 11.15 -22.88 12.28
CA PHE G 46 11.27 -22.23 10.98
C PHE G 46 11.63 -20.76 11.21
N LEU G 47 12.87 -20.38 10.95
CA LEU G 47 13.35 -19.04 11.26
C LEU G 47 13.21 -18.08 10.10
N ILE G 48 13.88 -18.34 8.99
CA ILE G 48 14.00 -17.39 7.90
C ILE G 48 13.54 -18.06 6.62
N TYR G 49 12.71 -17.35 5.86
CA TYR G 49 12.17 -17.84 4.60
C TYR G 49 12.72 -17.01 3.45
N ALA G 50 13.13 -17.68 2.38
CA ALA G 50 13.66 -17.02 1.20
C ALA G 50 14.94 -16.27 1.54
N ALA G 51 15.66 -16.78 2.53
CA ALA G 51 17.02 -16.36 2.85
C ALA G 51 17.11 -15.00 3.53
N SER G 52 16.01 -14.26 3.61
CA SER G 52 16.05 -12.98 4.32
C SER G 52 14.81 -12.65 5.13
N ASN G 53 13.69 -13.35 4.94
CA ASN G 53 12.42 -12.95 5.53
C ASN G 53 12.24 -13.64 6.87
N LEU G 54 12.29 -12.86 7.94
CA LEU G 54 12.08 -13.41 9.27
C LEU G 54 10.64 -13.86 9.43
N GLN G 55 10.44 -14.93 10.18
CA GLN G 55 9.11 -15.48 10.40
C GLN G 55 8.49 -14.93 11.69
N SER G 56 7.23 -15.25 11.90
CA SER G 56 6.49 -14.70 13.03
C SER G 56 7.13 -15.13 14.33
N GLY G 57 7.36 -14.17 15.23
CA GLY G 57 7.94 -14.44 16.52
C GLY G 57 9.44 -14.57 16.53
N VAL G 58 10.10 -14.44 15.40
CA VAL G 58 11.57 -14.52 15.38
C VAL G 58 12.15 -13.18 15.78
N PRO G 59 13.04 -13.12 16.78
CA PRO G 59 13.56 -11.83 17.22
C PRO G 59 14.26 -11.10 16.08
N SER G 60 14.16 -9.76 16.10
CA SER G 60 14.74 -8.96 15.04
C SER G 60 16.25 -9.05 14.97
N ARG G 61 16.91 -9.52 16.03
CA ARG G 61 18.36 -9.65 15.97
C ARG G 61 18.81 -10.63 14.91
N PHE G 62 17.99 -11.62 14.57
CA PHE G 62 18.30 -12.50 13.45
C PHE G 62 18.16 -11.75 12.14
N SER G 63 19.00 -12.11 11.18
CA SER G 63 18.89 -11.56 9.85
C SER G 63 19.58 -12.50 8.88
N GLY G 64 18.93 -12.72 7.74
CA GLY G 64 19.50 -13.52 6.68
C GLY G 64 19.75 -12.63 5.48
N SER G 65 20.67 -13.07 4.63
CA SER G 65 21.05 -12.28 3.47
C SER G 65 21.63 -13.21 2.42
N GLY G 66 22.02 -12.64 1.30
CA GLY G 66 22.67 -13.37 0.24
C GLY G 66 21.71 -13.78 -0.86
N SER G 67 22.29 -14.08 -2.01
CA SER G 67 21.54 -14.55 -3.16
C SER G 67 22.50 -15.34 -4.04
N GLY G 68 21.93 -16.14 -4.93
CA GLY G 68 22.75 -16.95 -5.81
C GLY G 68 23.28 -18.18 -5.11
N THR G 69 24.57 -18.17 -4.77
CA THR G 69 25.22 -19.35 -4.22
C THR G 69 25.66 -19.19 -2.77
N ASP G 70 25.80 -17.96 -2.27
CA ASP G 70 26.30 -17.71 -0.92
C ASP G 70 25.24 -17.05 -0.07
N PHE G 71 24.93 -17.66 1.08
CA PHE G 71 23.93 -17.14 2.00
C PHE G 71 24.51 -17.11 3.40
N THR G 72 24.09 -16.12 4.18
CA THR G 72 24.59 -15.94 5.54
C THR G 72 23.44 -15.70 6.50
N LEU G 73 23.52 -16.33 7.67
CA LEU G 73 22.62 -16.07 8.78
C LEU G 73 23.39 -15.34 9.86
N THR G 74 22.94 -14.13 10.20
CA THR G 74 23.67 -13.26 11.11
C THR G 74 22.82 -12.97 12.33
N ILE G 75 23.39 -13.13 13.51
CA ILE G 75 22.75 -12.77 14.76
C ILE G 75 23.48 -11.56 15.31
N SER G 76 22.78 -10.43 15.40
CA SER G 76 23.43 -9.19 15.81
C SER G 76 23.94 -9.26 17.25
N SER G 77 23.14 -9.82 18.16
CA SER G 77 23.52 -9.84 19.58
C SER G 77 23.12 -11.21 20.13
N LEU G 78 24.06 -12.16 20.08
CA LEU G 78 23.81 -13.51 20.53
C LEU G 78 23.37 -13.51 22.00
N GLN G 79 22.13 -13.90 22.24
CA GLN G 79 21.58 -13.97 23.59
C GLN G 79 21.61 -15.40 24.09
N PRO G 80 21.41 -15.61 25.39
CA PRO G 80 21.53 -16.98 25.93
C PRO G 80 20.56 -17.96 25.28
N GLU G 81 19.39 -17.50 24.85
CA GLU G 81 18.39 -18.40 24.30
C GLU G 81 18.72 -18.83 22.87
N ASP G 82 19.70 -18.22 22.21
CA ASP G 82 19.98 -18.52 20.82
C ASP G 82 20.96 -19.65 20.64
N PHE G 83 21.41 -20.29 21.71
CA PHE G 83 22.22 -21.50 21.59
C PHE G 83 21.39 -22.61 20.96
N ALA G 84 21.75 -23.04 19.76
CA ALA G 84 21.02 -24.10 19.08
C ALA G 84 21.74 -24.42 17.78
N THR G 85 21.38 -25.57 17.21
CA THR G 85 21.88 -25.94 15.89
C THR G 85 21.05 -25.22 14.82
N TYR G 86 21.73 -24.72 13.80
CA TYR G 86 21.08 -23.98 12.73
C TYR G 86 21.30 -24.71 11.41
N TYR G 87 20.21 -24.95 10.68
CA TYR G 87 20.23 -25.70 9.44
C TYR G 87 19.77 -24.81 8.30
N CYS G 88 20.56 -24.72 7.25
CA CYS G 88 20.06 -24.15 6.01
C CYS G 88 19.40 -25.24 5.18
N GLN G 89 18.30 -24.88 4.55
CA GLN G 89 17.50 -25.85 3.80
C GLN G 89 17.18 -25.28 2.44
N GLN G 90 17.33 -26.10 1.42
CA GLN G 90 16.96 -25.74 0.06
C GLN G 90 16.22 -26.92 -0.54
N GLN G 91 14.90 -26.77 -0.71
CA GLN G 91 14.06 -27.87 -1.14
C GLN G 91 14.32 -29.10 -0.27
N GLY G 92 14.69 -30.21 -0.87
CA GLY G 92 14.81 -31.45 -0.13
C GLY G 92 16.12 -31.69 0.56
N THR G 93 17.06 -30.74 0.50
CA THR G 93 18.38 -30.91 1.09
C THR G 93 18.55 -29.97 2.26
N PHE G 94 18.90 -30.53 3.42
CA PHE G 94 19.21 -29.76 4.61
C PHE G 94 20.72 -29.65 4.74
N GLY G 95 21.20 -28.50 5.17
CA GLY G 95 22.61 -28.34 5.46
C GLY G 95 23.04 -29.25 6.59
N GLN G 96 24.36 -29.36 6.75
CA GLN G 96 24.90 -30.25 7.76
C GLN G 96 24.71 -29.73 9.17
N GLY G 97 24.30 -28.48 9.34
CA GLY G 97 24.03 -27.95 10.66
C GLY G 97 25.22 -27.25 11.28
N THR G 98 24.97 -26.13 11.95
CA THR G 98 26.00 -25.36 12.63
C THR G 98 25.71 -25.42 14.13
N LYS G 99 26.43 -26.28 14.84
CA LYS G 99 26.21 -26.47 16.27
C LYS G 99 26.81 -25.27 17.00
N LEU G 100 26.03 -24.19 17.07
CA LEU G 100 26.47 -22.97 17.73
C LEU G 100 26.49 -23.20 19.24
N GLU G 101 27.66 -23.10 19.84
CA GLU G 101 27.87 -23.42 21.25
C GLU G 101 28.28 -22.18 22.02
N ILE G 102 27.82 -22.09 23.27
CA ILE G 102 28.14 -20.94 24.11
C ILE G 102 29.55 -21.10 24.66
N LYS G 103 30.36 -20.05 24.53
CA LYS G 103 31.74 -20.07 24.97
C LYS G 103 31.83 -20.05 26.49
#